data_6B15
#
_entry.id   6B15
#
_cell.length_a   131.730
_cell.length_b   131.730
_cell.length_c   151.870
_cell.angle_alpha   90.00
_cell.angle_beta   90.00
_cell.angle_gamma   120.00
#
_symmetry.space_group_name_H-M   'P 31 1 2'
#
loop_
_entity.id
_entity.type
_entity.pdbx_description
1 polymer Amy13K
2 non-polymer 1,2-ETHANEDIOL
3 water water
#
_entity_poly.entity_id   1
_entity_poly.type   'polypeptide(L)'
_entity_poly.pdbx_seq_one_letter_code
;MDLTINYKSTLGDDVAAYIYKETNKPAGEWPGKTMTATAGHEGWYTMHLTLDNSTDYSLILNDDGHGNQLKDVTLSTKGK
AEAEYWFDGSLSETKPADWKYVTTIHYLASGMGSTIYNYMWGADASATGAGVGKEWPGGQISANADHLGWYDVVYTQDVK
QNFSCIFNNNNGTQTDNIDVSVTSTSTELWVTGTKGDTTVYKTAPDSWE
;
_entity_poly.pdbx_strand_id   A,B,C,D
#
# COMPACT_ATOMS: atom_id res chain seq x y z
N MET A 1 -21.15 10.19 0.81
CA MET A 1 -22.42 9.55 0.49
C MET A 1 -22.21 8.12 0.03
N ASP A 2 -23.22 7.29 0.20
CA ASP A 2 -23.16 5.89 -0.21
C ASP A 2 -23.57 5.72 -1.66
N LEU A 3 -22.70 5.09 -2.44
CA LEU A 3 -22.94 4.84 -3.86
C LEU A 3 -23.14 3.35 -4.14
N THR A 4 -24.11 3.04 -4.98
CA THR A 4 -24.31 1.70 -5.48
C THR A 4 -24.52 1.76 -7.00
N ILE A 5 -23.79 0.91 -7.73
CA ILE A 5 -23.93 0.84 -9.18
C ILE A 5 -24.20 -0.59 -9.59
N ASN A 6 -25.32 -0.80 -10.28
CA ASN A 6 -25.65 -2.09 -10.85
C ASN A 6 -25.50 -2.05 -12.36
N TYR A 7 -24.76 -3.00 -12.91
CA TYR A 7 -24.48 -3.04 -14.34
C TYR A 7 -24.88 -4.38 -14.94
N LYS A 8 -25.72 -4.33 -15.97
CA LYS A 8 -26.04 -5.53 -16.74
C LYS A 8 -25.01 -5.64 -17.86
N SER A 9 -24.08 -6.58 -17.70
CA SER A 9 -22.88 -6.62 -18.53
C SER A 9 -23.14 -7.08 -19.96
N THR A 10 -22.48 -6.38 -20.89
CA THR A 10 -22.39 -6.82 -22.28
C THR A 10 -20.92 -7.06 -22.62
N LEU A 11 -20.11 -7.19 -21.58
CA LEU A 11 -18.65 -7.29 -21.73
C LEU A 11 -18.07 -8.55 -21.09
N GLY A 12 -18.93 -9.43 -20.60
CA GLY A 12 -18.50 -10.65 -19.96
C GLY A 12 -18.67 -10.60 -18.44
N ASP A 13 -18.08 -11.57 -17.76
CA ASP A 13 -18.30 -11.72 -16.31
C ASP A 13 -17.20 -11.08 -15.47
N ASP A 14 -16.21 -10.49 -16.14
CA ASP A 14 -15.15 -9.75 -15.46
C ASP A 14 -15.28 -8.26 -15.78
N VAL A 15 -15.90 -7.52 -14.87
CA VAL A 15 -16.17 -6.10 -15.11
C VAL A 15 -15.83 -5.24 -13.89
N ALA A 16 -15.55 -3.97 -14.14
CA ALA A 16 -15.16 -3.04 -13.08
C ALA A 16 -15.74 -1.66 -13.33
N ALA A 17 -15.84 -0.88 -12.26
CA ALA A 17 -16.34 0.49 -12.35
C ALA A 17 -15.23 1.48 -12.04
N TYR A 18 -14.77 2.19 -13.08
CA TYR A 18 -13.78 3.24 -12.91
C TYR A 18 -14.49 4.57 -12.75
N ILE A 19 -14.22 5.25 -11.64
CA ILE A 19 -14.87 6.52 -11.32
C ILE A 19 -13.82 7.61 -11.17
N TYR A 20 -14.09 8.78 -11.76
CA TYR A 20 -13.13 9.88 -11.68
C TYR A 20 -13.81 11.25 -11.76
N LYS A 21 -13.17 12.22 -11.14
CA LYS A 21 -13.52 13.63 -11.28
C LYS A 21 -12.21 14.41 -11.17
N GLU A 22 -11.76 14.93 -12.32
CA GLU A 22 -10.42 15.50 -12.42
C GLU A 22 -9.40 14.42 -12.06
N THR A 23 -8.54 14.67 -11.07
CA THR A 23 -7.54 13.70 -10.67
C THR A 23 -8.02 12.80 -9.52
N ASN A 24 -9.23 13.06 -9.03
CA ASN A 24 -9.79 12.29 -7.92
C ASN A 24 -10.40 10.99 -8.43
N LYS A 25 -9.97 9.86 -7.86
CA LYS A 25 -10.39 8.54 -8.34
C LYS A 25 -10.94 7.68 -7.20
N PRO A 26 -12.21 7.91 -6.80
CA PRO A 26 -12.85 7.26 -5.66
C PRO A 26 -12.78 5.74 -5.65
N ALA A 27 -12.77 5.10 -6.83
CA ALA A 27 -12.79 3.64 -6.90
C ALA A 27 -11.41 3.06 -7.18
N GLY A 28 -10.38 3.90 -7.06
CA GLY A 28 -9.01 3.45 -7.24
C GLY A 28 -8.50 3.70 -8.64
N GLU A 29 -7.22 3.38 -8.86
CA GLU A 29 -6.61 3.49 -10.17
C GLU A 29 -7.32 2.57 -11.16
N TRP A 30 -7.14 2.86 -12.45
CA TRP A 30 -7.66 2.01 -13.53
C TRP A 30 -7.34 0.54 -13.24
N PRO A 31 -8.33 -0.36 -13.42
CA PRO A 31 -9.68 -0.19 -13.96
C PRO A 31 -10.75 0.19 -12.93
N GLY A 32 -10.33 0.56 -11.73
CA GLY A 32 -11.27 0.94 -10.68
C GLY A 32 -11.62 -0.24 -9.78
N LYS A 33 -12.90 -0.36 -9.43
CA LYS A 33 -13.35 -1.39 -8.50
C LYS A 33 -14.14 -2.48 -9.19
N THR A 34 -13.75 -3.72 -8.94
CA THR A 34 -14.44 -4.88 -9.50
C THR A 34 -15.89 -4.92 -9.05
N MET A 35 -16.77 -5.32 -9.97
CA MET A 35 -18.20 -5.45 -9.67
C MET A 35 -18.55 -6.91 -9.48
N THR A 36 -19.23 -7.21 -8.38
CA THR A 36 -19.55 -8.58 -8.02
C THR A 36 -20.91 -9.02 -8.58
N ALA A 37 -21.01 -10.29 -8.95
CA ALA A 37 -22.25 -10.85 -9.46
C ALA A 37 -23.42 -10.56 -8.52
N THR A 38 -24.46 -9.94 -9.07
CA THR A 38 -25.61 -9.54 -8.28
C THR A 38 -26.46 -10.75 -7.90
N ALA A 39 -26.61 -10.99 -6.60
CA ALA A 39 -27.43 -12.09 -6.11
C ALA A 39 -28.89 -11.88 -6.54
N GLY A 40 -29.43 -12.87 -7.24
CA GLY A 40 -30.83 -12.86 -7.64
C GLY A 40 -31.09 -12.22 -9.00
N HIS A 41 -30.02 -11.83 -9.68
CA HIS A 41 -30.14 -11.21 -11.00
C HIS A 41 -29.00 -11.63 -11.92
N GLU A 42 -29.23 -12.67 -12.71
CA GLU A 42 -28.22 -13.20 -13.61
C GLU A 42 -27.85 -12.17 -14.68
N GLY A 43 -26.55 -12.00 -14.90
CA GLY A 43 -26.06 -11.06 -15.89
C GLY A 43 -25.82 -9.68 -15.33
N TRP A 44 -26.24 -9.46 -14.08
CA TRP A 44 -26.04 -8.17 -13.41
C TRP A 44 -24.84 -8.23 -12.47
N TYR A 45 -24.17 -7.09 -12.31
CA TYR A 45 -23.01 -6.98 -11.42
C TYR A 45 -23.12 -5.69 -10.62
N THR A 46 -22.71 -5.75 -9.35
CA THR A 46 -22.91 -4.64 -8.42
C THR A 46 -21.62 -4.25 -7.71
N MET A 47 -21.46 -2.96 -7.45
CA MET A 47 -20.37 -2.47 -6.62
C MET A 47 -20.88 -1.39 -5.68
N HIS A 48 -20.29 -1.32 -4.49
CA HIS A 48 -20.62 -0.31 -3.51
C HIS A 48 -19.41 0.57 -3.24
N LEU A 49 -19.65 1.80 -2.84
CA LEU A 49 -18.57 2.77 -2.61
C LEU A 49 -19.07 3.95 -1.79
N THR A 50 -18.15 4.65 -1.14
CA THR A 50 -18.43 5.93 -0.51
C THR A 50 -17.64 7.01 -1.23
N LEU A 51 -18.18 8.22 -1.28
CA LEU A 51 -17.46 9.32 -1.92
C LEU A 51 -17.94 10.69 -1.45
N ASP A 52 -17.08 11.67 -1.67
CA ASP A 52 -17.36 13.06 -1.33
C ASP A 52 -18.43 13.62 -2.27
N ASN A 53 -19.53 14.11 -1.71
CA ASN A 53 -20.63 14.60 -2.54
C ASN A 53 -20.48 16.07 -2.93
N SER A 54 -19.25 16.59 -2.81
CA SER A 54 -18.98 17.97 -3.19
C SER A 54 -19.10 18.18 -4.69
N THR A 55 -18.99 17.09 -5.45
CA THR A 55 -18.99 17.16 -6.90
C THR A 55 -19.75 16.00 -7.54
N ASP A 56 -19.92 16.08 -8.85
CA ASP A 56 -20.35 14.94 -9.65
C ASP A 56 -19.13 14.10 -9.98
N TYR A 57 -19.36 12.95 -10.61
CA TYR A 57 -18.27 12.09 -11.06
C TYR A 57 -18.61 11.46 -12.40
N SER A 58 -17.57 11.00 -13.09
CA SER A 58 -17.74 10.28 -14.34
C SER A 58 -17.52 8.79 -14.11
N LEU A 59 -18.29 7.96 -14.81
CA LEU A 59 -18.20 6.50 -14.69
C LEU A 59 -17.80 5.86 -16.01
N ILE A 60 -16.70 5.12 -15.99
CA ILE A 60 -16.31 4.29 -17.14
C ILE A 60 -16.40 2.82 -16.75
N LEU A 61 -17.43 2.15 -17.24
CA LEU A 61 -17.58 0.71 -17.05
C LEU A 61 -16.67 0.00 -18.05
N ASN A 62 -16.01 -1.06 -17.59
CA ASN A 62 -15.01 -1.74 -18.41
C ASN A 62 -14.88 -3.21 -18.05
N ASP A 63 -14.23 -3.98 -18.92
CA ASP A 63 -14.02 -5.40 -18.66
C ASP A 63 -12.74 -5.64 -17.87
N ASP A 64 -12.67 -5.02 -16.69
CA ASP A 64 -11.50 -5.11 -15.82
C ASP A 64 -10.27 -4.50 -16.51
N GLY A 65 -10.51 -3.46 -17.29
CA GLY A 65 -9.42 -2.66 -17.84
C GLY A 65 -8.81 -3.15 -19.13
N HIS A 66 -9.32 -4.27 -19.65
CA HIS A 66 -8.72 -4.88 -20.83
C HIS A 66 -9.36 -4.35 -22.12
N GLY A 67 -9.87 -5.24 -22.97
CA GLY A 67 -10.23 -4.89 -24.33
C GLY A 67 -11.38 -3.92 -24.53
N ASN A 68 -12.25 -3.76 -23.54
CA ASN A 68 -13.50 -3.01 -23.72
C ASN A 68 -13.85 -2.09 -22.56
N GLN A 69 -14.07 -0.80 -22.88
CA GLN A 69 -14.54 0.16 -21.90
C GLN A 69 -15.64 1.02 -22.53
N LEU A 70 -16.66 1.33 -21.73
CA LEU A 70 -17.80 2.10 -22.22
C LEU A 70 -17.51 3.59 -22.22
N LYS A 71 -18.25 4.31 -23.04
CA LYS A 71 -18.20 5.77 -23.04
C LYS A 71 -18.56 6.27 -21.65
N ASP A 72 -17.81 7.25 -21.17
CA ASP A 72 -18.03 7.76 -19.82
C ASP A 72 -19.41 8.41 -19.69
N VAL A 73 -20.08 8.13 -18.59
CA VAL A 73 -21.36 8.76 -18.25
C VAL A 73 -21.23 9.48 -16.92
N THR A 74 -22.02 10.53 -16.75
CA THR A 74 -21.95 11.35 -15.53
C THR A 74 -22.84 10.80 -14.44
N LEU A 75 -22.31 10.75 -13.22
CA LEU A 75 -23.08 10.39 -12.03
C LEU A 75 -23.44 11.65 -11.25
N SER A 76 -24.73 11.93 -11.17
CA SER A 76 -25.23 13.14 -10.52
C SER A 76 -25.23 13.00 -9.00
N THR A 77 -24.05 12.97 -8.41
CA THR A 77 -23.89 12.71 -6.98
C THR A 77 -23.85 13.97 -6.13
N LYS A 78 -23.59 15.11 -6.76
CA LYS A 78 -23.39 16.36 -6.02
C LYS A 78 -24.55 16.71 -5.11
N GLY A 79 -24.28 16.77 -3.81
CA GLY A 79 -25.27 17.17 -2.83
C GLY A 79 -26.08 16.02 -2.27
N LYS A 80 -26.08 14.87 -2.95
CA LYS A 80 -26.85 13.72 -2.50
C LYS A 80 -26.20 13.06 -1.29
N ALA A 81 -27.01 12.35 -0.51
CA ALA A 81 -26.54 11.59 0.64
C ALA A 81 -26.52 10.11 0.32
N GLU A 82 -27.21 9.74 -0.76
CA GLU A 82 -27.40 8.36 -1.12
C GLU A 82 -27.78 8.28 -2.59
N ALA A 83 -27.26 7.28 -3.29
CA ALA A 83 -27.57 7.13 -4.71
C ALA A 83 -27.34 5.70 -5.18
N GLU A 84 -28.29 5.20 -5.97
CA GLU A 84 -28.15 3.89 -6.60
C GLU A 84 -28.52 3.99 -8.08
N TYR A 85 -27.67 3.42 -8.93
CA TYR A 85 -27.88 3.48 -10.38
C TYR A 85 -28.02 2.08 -10.99
N TRP A 86 -28.73 2.02 -12.10
CA TRP A 86 -28.82 0.81 -12.92
C TRP A 86 -28.42 1.14 -14.35
N PHE A 87 -27.48 0.38 -14.89
CA PHE A 87 -27.03 0.58 -16.26
C PHE A 87 -27.31 -0.65 -17.10
N ASP A 88 -28.38 -0.56 -17.90
CA ASP A 88 -28.76 -1.62 -18.83
C ASP A 88 -28.94 -0.98 -20.20
N GLY A 89 -27.84 -0.84 -20.92
CA GLY A 89 -27.83 -0.14 -22.20
C GLY A 89 -27.58 1.34 -22.01
N SER A 90 -28.08 1.89 -20.92
CA SER A 90 -27.89 3.30 -20.59
C SER A 90 -28.13 3.51 -19.10
N LEU A 91 -27.72 4.67 -18.59
CA LEU A 91 -27.76 4.95 -17.16
C LEU A 91 -29.15 5.37 -16.69
N SER A 92 -29.57 4.81 -15.55
CA SER A 92 -30.84 5.17 -14.94
C SER A 92 -30.78 5.12 -13.42
N GLU A 93 -31.61 5.93 -12.77
CA GLU A 93 -31.73 5.91 -11.31
C GLU A 93 -33.01 5.20 -10.87
N THR A 94 -33.74 4.65 -11.83
CA THR A 94 -35.01 3.99 -11.55
C THR A 94 -34.82 2.50 -11.32
N LYS A 95 -35.23 2.02 -10.15
CA LYS A 95 -35.17 0.61 -9.81
C LYS A 95 -36.08 -0.19 -10.74
N PRO A 96 -35.56 -1.27 -11.35
CA PRO A 96 -36.45 -2.14 -12.14
C PRO A 96 -37.57 -2.74 -11.27
N ALA A 97 -38.67 -3.12 -11.91
CA ALA A 97 -39.87 -3.55 -11.17
C ALA A 97 -39.61 -4.77 -10.30
N ASP A 98 -38.86 -5.74 -10.81
CA ASP A 98 -38.70 -7.03 -10.14
C ASP A 98 -37.61 -7.04 -9.07
N TRP A 99 -36.94 -5.90 -8.88
CA TRP A 99 -35.84 -5.82 -7.91
C TRP A 99 -36.34 -5.57 -6.49
N LYS A 100 -35.88 -6.40 -5.56
CA LYS A 100 -36.21 -6.24 -4.15
C LYS A 100 -35.07 -5.55 -3.42
N TYR A 101 -35.34 -5.13 -2.18
CA TYR A 101 -34.30 -4.61 -1.30
C TYR A 101 -33.80 -5.74 -0.39
N VAL A 102 -32.59 -6.20 -0.68
CA VAL A 102 -32.02 -7.35 0.02
C VAL A 102 -30.95 -6.90 1.01
N THR A 103 -31.24 -7.02 2.29
CA THR A 103 -30.29 -6.60 3.33
C THR A 103 -29.64 -7.82 3.98
N THR A 104 -28.32 -7.90 3.83
CA THR A 104 -27.55 -9.00 4.39
C THR A 104 -26.80 -8.55 5.63
N ILE A 105 -26.90 -9.33 6.70
CA ILE A 105 -26.25 -8.99 7.96
C ILE A 105 -25.45 -10.17 8.48
N HIS A 106 -24.14 -9.95 8.69
CA HIS A 106 -23.25 -10.98 9.20
C HIS A 106 -23.01 -10.76 10.69
N TYR A 107 -23.08 -11.84 11.47
CA TYR A 107 -22.80 -11.78 12.90
C TYR A 107 -21.71 -12.75 13.30
N LEU A 108 -20.67 -12.23 13.94
CA LEU A 108 -19.55 -13.05 14.40
C LEU A 108 -19.90 -13.65 15.75
N ALA A 109 -20.22 -14.94 15.75
CA ALA A 109 -20.59 -15.64 16.96
C ALA A 109 -19.36 -16.18 17.68
N SER A 110 -19.18 -15.77 18.93
CA SER A 110 -18.04 -16.21 19.73
C SER A 110 -18.44 -16.52 21.16
N GLY A 111 -18.04 -17.69 21.65
CA GLY A 111 -18.28 -18.09 23.02
C GLY A 111 -19.74 -18.19 23.40
N MET A 112 -20.60 -18.53 22.43
CA MET A 112 -22.03 -18.62 22.67
C MET A 112 -22.66 -19.82 21.95
N GLY A 113 -21.82 -20.76 21.52
CA GLY A 113 -22.31 -21.98 20.90
C GLY A 113 -22.48 -21.86 19.40
N SER A 114 -23.03 -22.92 18.79
CA SER A 114 -23.17 -22.99 17.34
C SER A 114 -24.64 -22.94 16.91
N THR A 115 -25.54 -22.64 17.85
CA THR A 115 -26.94 -22.45 17.54
C THR A 115 -27.30 -20.97 17.69
N ILE A 116 -27.45 -20.30 16.55
CA ILE A 116 -27.63 -18.86 16.51
C ILE A 116 -28.99 -18.49 15.92
N TYR A 117 -29.63 -17.49 16.51
CA TYR A 117 -30.92 -16.98 16.05
C TYR A 117 -30.87 -15.50 15.75
N ASN A 118 -31.77 -15.04 14.90
CA ASN A 118 -31.98 -13.61 14.68
C ASN A 118 -33.43 -13.24 14.94
N TYR A 119 -33.62 -12.30 15.86
CA TYR A 119 -34.93 -11.78 16.21
C TYR A 119 -35.07 -10.38 15.61
N MET A 120 -36.09 -10.19 14.78
CA MET A 120 -36.23 -8.96 13.99
C MET A 120 -37.63 -8.36 14.12
N TRP A 121 -37.69 -7.03 14.14
CA TRP A 121 -38.96 -6.31 14.14
C TRP A 121 -38.84 -5.04 13.31
N GLY A 122 -39.99 -4.49 12.91
CA GLY A 122 -40.03 -3.18 12.27
C GLY A 122 -39.98 -3.23 10.75
N ALA A 123 -39.96 -4.42 10.18
CA ALA A 123 -39.83 -4.56 8.73
C ALA A 123 -41.18 -4.47 8.04
N ASP A 124 -41.14 -4.31 6.71
CA ASP A 124 -42.35 -4.22 5.90
C ASP A 124 -43.04 -5.58 5.82
N ALA A 125 -44.35 -5.56 5.54
CA ALA A 125 -45.13 -6.79 5.46
C ALA A 125 -44.76 -7.62 4.23
N SER A 126 -43.90 -7.09 3.36
CA SER A 126 -43.38 -7.86 2.24
C SER A 126 -42.14 -8.65 2.63
N ALA A 127 -41.67 -8.44 3.86
CA ALA A 127 -40.40 -9.01 4.31
C ALA A 127 -40.37 -10.53 4.27
N THR A 128 -39.26 -11.08 3.81
CA THR A 128 -38.97 -12.51 3.94
C THR A 128 -37.59 -12.66 4.56
N GLY A 129 -37.41 -13.71 5.37
CA GLY A 129 -36.16 -13.93 6.07
C GLY A 129 -36.38 -14.81 7.28
N ALA A 130 -35.29 -15.24 7.90
CA ALA A 130 -35.35 -16.18 9.01
C ALA A 130 -36.25 -15.68 10.15
N GLY A 131 -36.10 -14.42 10.52
CA GLY A 131 -36.80 -13.87 11.67
C GLY A 131 -38.19 -13.35 11.41
N VAL A 132 -38.62 -13.32 10.16
CA VAL A 132 -39.96 -12.86 9.81
C VAL A 132 -40.98 -13.97 10.04
N GLY A 133 -41.95 -13.82 10.95
CA GLY A 133 -42.02 -12.78 11.96
C GLY A 133 -42.20 -13.56 13.25
N LYS A 134 -41.10 -14.18 13.68
CA LYS A 134 -41.15 -15.17 14.75
C LYS A 134 -40.92 -14.57 16.12
N GLU A 135 -41.59 -15.11 17.12
CA GLU A 135 -41.38 -14.69 18.50
C GLU A 135 -39.99 -15.13 18.95
N TRP A 136 -39.53 -14.58 20.07
CA TRP A 136 -38.24 -14.92 20.64
C TRP A 136 -38.08 -16.43 20.73
N PRO A 137 -36.88 -16.96 20.39
CA PRO A 137 -35.61 -16.31 20.03
C PRO A 137 -35.54 -15.79 18.60
N GLY A 138 -36.60 -15.99 17.81
CA GLY A 138 -36.61 -15.58 16.41
C GLY A 138 -36.34 -16.77 15.51
N GLY A 139 -35.74 -16.50 14.35
CA GLY A 139 -35.44 -17.55 13.39
C GLY A 139 -34.00 -18.00 13.47
N GLN A 140 -33.79 -19.32 13.42
CA GLN A 140 -32.44 -19.88 13.44
C GLN A 140 -31.75 -19.59 12.11
N ILE A 141 -30.47 -19.22 12.17
CA ILE A 141 -29.70 -18.88 10.98
C ILE A 141 -28.49 -19.80 10.83
N SER A 142 -27.96 -19.85 9.61
CA SER A 142 -26.86 -20.76 9.27
C SER A 142 -25.50 -20.07 9.30
N ALA A 143 -24.45 -20.88 9.41
CA ALA A 143 -23.09 -20.35 9.41
C ALA A 143 -22.67 -19.95 8.00
N ASN A 144 -21.84 -18.92 7.90
CA ASN A 144 -21.29 -18.52 6.62
C ASN A 144 -20.28 -19.56 6.16
N ALA A 145 -20.36 -19.95 4.89
CA ALA A 145 -19.54 -21.04 4.38
C ALA A 145 -18.08 -20.64 4.16
N ASP A 146 -17.85 -19.36 3.92
CA ASP A 146 -16.52 -18.87 3.53
C ASP A 146 -15.80 -18.10 4.64
N HIS A 147 -16.51 -17.81 5.72
CA HIS A 147 -15.95 -17.00 6.81
C HIS A 147 -16.27 -17.61 8.17
N LEU A 148 -15.24 -18.18 8.80
CA LEU A 148 -15.42 -18.98 10.01
C LEU A 148 -15.91 -18.14 11.19
N GLY A 149 -16.91 -18.66 11.89
CA GLY A 149 -17.45 -18.00 13.06
C GLY A 149 -18.60 -17.06 12.75
N TRP A 150 -18.76 -16.70 11.49
CA TRP A 150 -19.80 -15.78 11.07
C TRP A 150 -21.10 -16.50 10.73
N TYR A 151 -22.23 -15.86 11.06
CA TYR A 151 -23.55 -16.37 10.72
C TYR A 151 -24.33 -15.31 9.96
N ASP A 152 -25.07 -15.73 8.93
CA ASP A 152 -25.74 -14.80 8.03
C ASP A 152 -27.26 -14.81 8.19
N VAL A 153 -27.85 -13.62 8.12
CA VAL A 153 -29.30 -13.47 7.96
C VAL A 153 -29.56 -12.51 6.80
N VAL A 154 -30.56 -12.84 5.98
CA VAL A 154 -30.91 -12.03 4.81
C VAL A 154 -32.39 -11.66 4.85
N TYR A 155 -32.66 -10.36 4.86
CA TYR A 155 -34.04 -9.87 4.87
C TYR A 155 -34.36 -9.13 3.56
N THR A 156 -35.31 -9.69 2.82
CA THR A 156 -35.70 -9.17 1.51
C THR A 156 -37.06 -8.49 1.60
N GLN A 157 -37.11 -7.22 1.19
CA GLN A 157 -38.34 -6.44 1.23
C GLN A 157 -38.65 -5.81 -0.12
N ASP A 158 -39.94 -5.55 -0.36
CA ASP A 158 -40.37 -4.91 -1.59
C ASP A 158 -40.04 -3.41 -1.60
N VAL A 159 -39.88 -2.86 -0.40
CA VAL A 159 -39.59 -1.43 -0.24
C VAL A 159 -38.34 -1.21 0.61
N LYS A 160 -37.83 0.03 0.57
CA LYS A 160 -36.64 0.39 1.33
C LYS A 160 -37.01 0.75 2.77
N GLN A 161 -37.23 -0.27 3.59
CA GLN A 161 -37.75 -0.09 4.95
C GLN A 161 -36.69 -0.45 5.99
N ASN A 162 -36.37 0.50 6.86
CA ASN A 162 -35.47 0.24 7.97
C ASN A 162 -36.11 -0.69 8.99
N PHE A 163 -35.27 -1.46 9.68
CA PHE A 163 -35.75 -2.36 10.71
C PHE A 163 -34.70 -2.55 11.79
N SER A 164 -35.03 -3.36 12.79
CA SER A 164 -34.12 -3.62 13.90
C SER A 164 -34.08 -5.11 14.20
N CYS A 165 -32.96 -5.58 14.75
CA CYS A 165 -32.85 -6.99 15.11
C CYS A 165 -31.89 -7.27 16.25
N ILE A 166 -31.93 -8.51 16.73
CA ILE A 166 -31.05 -8.98 17.80
C ILE A 166 -30.55 -10.37 17.47
N PHE A 167 -29.24 -10.58 17.58
CA PHE A 167 -28.67 -11.92 17.46
C PHE A 167 -28.57 -12.55 18.84
N ASN A 168 -28.88 -13.83 18.93
CA ASN A 168 -28.83 -14.54 20.21
C ASN A 168 -28.66 -16.04 20.02
N ASN A 169 -28.43 -16.75 21.13
CA ASN A 169 -28.29 -18.21 21.10
C ASN A 169 -29.41 -18.90 21.86
N ASN A 170 -30.46 -18.15 22.17
CA ASN A 170 -31.62 -18.67 22.89
C ASN A 170 -31.21 -19.35 24.19
N ASN A 171 -30.15 -18.86 24.82
CA ASN A 171 -29.64 -19.48 26.04
C ASN A 171 -28.87 -18.52 26.94
N GLY A 172 -29.17 -17.22 26.82
CA GLY A 172 -28.66 -16.23 27.74
C GLY A 172 -27.69 -15.21 27.17
N THR A 173 -27.22 -15.44 25.94
CA THR A 173 -26.30 -14.52 25.28
C THR A 173 -26.98 -13.89 24.07
N GLN A 174 -26.93 -12.56 24.01
CA GLN A 174 -27.52 -11.82 22.90
C GLN A 174 -26.76 -10.53 22.64
N THR A 175 -27.03 -9.91 21.49
CA THR A 175 -26.50 -8.60 21.17
C THR A 175 -27.41 -7.51 21.72
N ASP A 176 -26.92 -6.28 21.73
CA ASP A 176 -27.77 -5.12 21.97
C ASP A 176 -28.66 -4.95 20.75
N ASN A 177 -29.61 -4.02 20.83
CA ASN A 177 -30.46 -3.72 19.69
C ASN A 177 -29.61 -3.23 18.51
N ILE A 178 -29.87 -3.80 17.34
CA ILE A 178 -29.20 -3.41 16.11
C ILE A 178 -30.20 -2.71 15.20
N ASP A 179 -29.98 -1.42 14.96
CA ASP A 179 -30.86 -0.63 14.09
C ASP A 179 -30.31 -0.55 12.68
N VAL A 180 -30.98 -1.23 11.76
CA VAL A 180 -30.51 -1.36 10.38
C VAL A 180 -31.05 -0.25 9.50
N SER A 181 -30.15 0.51 8.88
CA SER A 181 -30.52 1.50 7.87
C SER A 181 -30.28 0.95 6.47
N VAL A 182 -31.35 0.82 5.70
CA VAL A 182 -31.25 0.32 4.33
C VAL A 182 -30.86 1.46 3.40
N THR A 183 -29.73 1.29 2.72
CA THR A 183 -29.15 2.35 1.89
C THR A 183 -29.08 1.97 0.42
N SER A 184 -29.54 0.77 0.09
CA SER A 184 -29.56 0.31 -1.30
C SER A 184 -30.36 -0.98 -1.41
N THR A 185 -30.46 -1.51 -2.62
CA THR A 185 -31.14 -2.79 -2.84
C THR A 185 -30.26 -3.97 -2.42
N SER A 186 -29.02 -3.68 -2.00
CA SER A 186 -28.12 -4.72 -1.52
C SER A 186 -27.25 -4.21 -0.38
N THR A 187 -27.89 -3.75 0.69
CA THR A 187 -27.18 -3.28 1.87
C THR A 187 -26.51 -4.45 2.59
N GLU A 188 -25.28 -4.23 3.05
CA GLU A 188 -24.52 -5.27 3.76
C GLU A 188 -23.94 -4.71 5.06
N LEU A 189 -24.05 -5.49 6.12
CA LEU A 189 -23.58 -5.08 7.45
C LEU A 189 -22.87 -6.22 8.17
N TRP A 190 -21.95 -5.85 9.05
CA TRP A 190 -21.25 -6.81 9.90
C TRP A 190 -21.44 -6.42 11.35
N VAL A 191 -21.66 -7.42 12.21
CA VAL A 191 -21.92 -7.19 13.63
C VAL A 191 -21.05 -8.08 14.51
N THR A 192 -20.49 -7.49 15.56
CA THR A 192 -19.66 -8.24 16.51
C THR A 192 -20.05 -7.92 17.95
N GLY A 193 -19.68 -8.81 18.86
CA GLY A 193 -19.89 -8.60 20.28
C GLY A 193 -21.28 -9.00 20.76
N THR A 194 -21.49 -8.83 22.06
CA THR A 194 -22.76 -9.14 22.70
C THR A 194 -23.19 -7.93 23.53
N LYS A 195 -24.21 -8.10 24.36
CA LYS A 195 -24.77 -6.98 25.13
C LYS A 195 -23.71 -6.23 25.92
N GLY A 196 -23.66 -4.91 25.71
CA GLY A 196 -22.71 -4.06 26.41
C GLY A 196 -21.51 -3.70 25.54
N ASP A 197 -21.40 -4.35 24.39
CA ASP A 197 -20.26 -4.13 23.50
C ASP A 197 -20.58 -4.64 22.09
N THR A 198 -21.76 -4.29 21.61
CA THR A 198 -22.16 -4.65 20.25
C THR A 198 -21.71 -3.57 19.27
N THR A 199 -21.04 -3.98 18.20
CA THR A 199 -20.51 -3.05 17.21
C THR A 199 -21.05 -3.39 15.82
N VAL A 200 -21.46 -2.36 15.09
CA VAL A 200 -21.99 -2.53 13.74
C VAL A 200 -21.06 -1.86 12.74
N TYR A 201 -20.61 -2.63 11.76
CA TYR A 201 -19.71 -2.14 10.73
C TYR A 201 -20.40 -2.03 9.37
N LYS A 202 -20.23 -0.90 8.71
CA LYS A 202 -20.75 -0.70 7.36
C LYS A 202 -19.75 -1.18 6.31
N THR A 203 -18.51 -1.40 6.75
CA THR A 203 -17.46 -1.96 5.91
C THR A 203 -16.88 -3.18 6.60
N ALA A 204 -16.55 -4.21 5.82
CA ALA A 204 -16.04 -5.46 6.37
C ALA A 204 -14.89 -5.24 7.34
N PRO A 205 -15.05 -5.66 8.61
CA PRO A 205 -13.93 -5.50 9.56
C PRO A 205 -12.82 -6.51 9.31
N ASP A 206 -11.71 -6.38 10.04
CA ASP A 206 -10.56 -7.24 9.84
C ASP A 206 -10.88 -8.69 10.18
N SER A 207 -11.81 -8.89 11.11
CA SER A 207 -12.19 -10.23 11.53
C SER A 207 -13.01 -10.96 10.46
N TRP A 208 -13.38 -10.25 9.39
CA TRP A 208 -14.14 -10.85 8.31
C TRP A 208 -13.25 -11.74 7.45
N GLU A 209 -12.06 -11.24 7.11
CA GLU A 209 -11.06 -12.01 6.37
C GLU A 209 -10.09 -12.70 7.32
N MET B 1 -7.48 -0.76 -22.06
CA MET B 1 -6.93 -1.49 -23.20
C MET B 1 -5.65 -2.20 -22.81
N ASP B 2 -5.34 -3.29 -23.51
CA ASP B 2 -4.14 -4.07 -23.23
C ASP B 2 -2.94 -3.46 -23.94
N LEU B 3 -1.92 -3.11 -23.16
CA LEU B 3 -0.69 -2.53 -23.69
C LEU B 3 0.47 -3.50 -23.55
N THR B 4 1.26 -3.63 -24.62
CA THR B 4 2.50 -4.37 -24.59
C THR B 4 3.62 -3.51 -25.17
N ILE B 5 4.74 -3.44 -24.45
CA ILE B 5 5.90 -2.69 -24.92
C ILE B 5 7.12 -3.61 -24.96
N ASN B 6 7.71 -3.74 -26.14
CA ASN B 6 8.95 -4.47 -26.30
C ASN B 6 10.08 -3.48 -26.58
N TYR B 7 11.17 -3.60 -25.83
CA TYR B 7 12.28 -2.66 -25.91
C TYR B 7 13.63 -3.36 -26.03
N LYS B 8 14.35 -3.06 -27.11
CA LYS B 8 15.72 -3.55 -27.26
C LYS B 8 16.65 -2.59 -26.53
N SER B 9 17.14 -3.02 -25.38
CA SER B 9 17.79 -2.11 -24.44
C SER B 9 19.17 -1.67 -24.90
N THR B 10 19.42 -0.38 -24.71
CA THR B 10 20.76 0.19 -24.83
C THR B 10 21.19 0.74 -23.48
N LEU B 11 20.61 0.19 -22.41
CA LEU B 11 20.80 0.71 -21.05
C LEU B 11 21.17 -0.35 -20.04
N GLY B 12 21.49 -1.55 -20.51
CA GLY B 12 21.78 -2.67 -19.63
C GLY B 12 20.57 -3.57 -19.47
N ASP B 13 20.65 -4.52 -18.54
CA ASP B 13 19.61 -5.54 -18.40
C ASP B 13 18.59 -5.21 -17.31
N ASP B 14 18.78 -4.08 -16.64
CA ASP B 14 17.80 -3.57 -15.68
C ASP B 14 17.08 -2.38 -16.28
N VAL B 15 15.89 -2.62 -16.86
CA VAL B 15 15.13 -1.55 -17.49
C VAL B 15 13.68 -1.53 -17.04
N ALA B 16 13.10 -0.33 -17.07
CA ALA B 16 11.72 -0.13 -16.64
C ALA B 16 11.03 0.82 -17.61
N ALA B 17 9.70 0.76 -17.62
CA ALA B 17 8.90 1.64 -18.47
C ALA B 17 8.03 2.54 -17.61
N TYR B 18 8.34 3.82 -17.63
CA TYR B 18 7.54 4.83 -16.93
C TYR B 18 6.54 5.46 -17.91
N ILE B 19 5.27 5.41 -17.56
CA ILE B 19 4.20 5.90 -18.42
C ILE B 19 3.39 6.96 -17.68
N TYR B 20 3.10 8.06 -18.37
CA TYR B 20 2.37 9.15 -17.74
C TYR B 20 1.56 9.97 -18.74
N LYS B 21 0.48 10.56 -18.25
CA LYS B 21 -0.28 11.56 -18.98
C LYS B 21 -0.82 12.54 -17.93
N GLU B 22 -0.21 13.72 -17.88
CA GLU B 22 -0.44 14.67 -16.80
C GLU B 22 -0.04 14.01 -15.48
N THR B 23 -0.94 13.96 -14.51
CA THR B 23 -0.63 13.35 -13.21
C THR B 23 -0.97 11.86 -13.19
N ASN B 24 -1.61 11.39 -14.25
CA ASN B 24 -1.99 9.98 -14.35
C ASN B 24 -0.79 9.11 -14.70
N LYS B 25 -0.53 8.08 -13.88
CA LYS B 25 0.67 7.26 -14.02
C LYS B 25 0.34 5.75 -14.03
N PRO B 26 -0.10 5.24 -15.19
CA PRO B 26 -0.52 3.84 -15.36
C PRO B 26 0.47 2.78 -14.86
N ALA B 27 1.77 3.00 -15.04
CA ALA B 27 2.76 1.97 -14.69
C ALA B 27 3.35 2.18 -13.30
N GLY B 28 2.75 3.08 -12.52
CA GLY B 28 3.20 3.36 -11.17
C GLY B 28 4.10 4.58 -11.09
N GLU B 29 4.48 4.95 -9.87
CA GLU B 29 5.43 6.03 -9.66
C GLU B 29 6.76 5.69 -10.32
N TRP B 30 7.60 6.71 -10.52
CA TRP B 30 8.95 6.50 -11.06
C TRP B 30 9.63 5.37 -10.32
N PRO B 31 10.33 4.47 -11.04
CA PRO B 31 10.61 4.42 -12.48
C PRO B 31 9.57 3.68 -13.31
N GLY B 32 8.40 3.42 -12.75
CA GLY B 32 7.34 2.72 -13.46
C GLY B 32 7.40 1.23 -13.25
N LYS B 33 7.19 0.46 -14.32
CA LYS B 33 7.13 -0.99 -14.22
C LYS B 33 8.33 -1.67 -14.88
N THR B 34 8.95 -2.58 -14.13
CA THR B 34 10.11 -3.32 -14.61
C THR B 34 9.75 -4.16 -15.84
N MET B 35 10.63 -4.13 -16.84
CA MET B 35 10.45 -4.93 -18.05
C MET B 35 11.25 -6.23 -17.93
N THR B 36 10.61 -7.34 -18.30
CA THR B 36 11.22 -8.66 -18.18
C THR B 36 11.88 -9.07 -19.48
N ALA B 37 12.99 -9.81 -19.38
CA ALA B 37 13.68 -10.34 -20.55
C ALA B 37 12.73 -11.09 -21.45
N THR B 38 12.73 -10.72 -22.74
CA THR B 38 11.82 -11.31 -23.70
C THR B 38 12.24 -12.74 -24.08
N ALA B 39 11.34 -13.68 -23.87
CA ALA B 39 11.61 -15.08 -24.24
C ALA B 39 11.77 -15.21 -25.75
N GLY B 40 12.93 -15.73 -26.16
CA GLY B 40 13.17 -16.00 -27.56
C GLY B 40 13.80 -14.86 -28.34
N HIS B 41 14.08 -13.74 -27.65
CA HIS B 41 14.68 -12.57 -28.30
C HIS B 41 15.72 -11.90 -27.42
N GLU B 42 16.96 -12.36 -27.55
CA GLU B 42 18.06 -11.83 -26.77
C GLU B 42 18.23 -10.33 -27.03
N GLY B 43 18.35 -9.56 -25.96
CA GLY B 43 18.51 -8.12 -26.06
C GLY B 43 17.22 -7.35 -25.86
N TRP B 44 16.08 -8.05 -25.94
CA TRP B 44 14.77 -7.43 -25.81
C TRP B 44 14.18 -7.60 -24.41
N TYR B 45 13.35 -6.64 -24.01
CA TYR B 45 12.65 -6.69 -22.73
C TYR B 45 11.20 -6.31 -22.95
N THR B 46 10.29 -6.93 -22.19
CA THR B 46 8.86 -6.77 -22.41
C THR B 46 8.11 -6.46 -21.12
N MET B 47 7.08 -5.64 -21.22
CA MET B 47 6.18 -5.37 -20.11
C MET B 47 4.75 -5.33 -20.61
N HIS B 48 3.82 -5.73 -19.74
CA HIS B 48 2.40 -5.73 -20.07
C HIS B 48 1.65 -4.84 -19.08
N LEU B 49 0.57 -4.22 -19.54
CA LEU B 49 -0.18 -3.28 -18.72
C LEU B 49 -1.58 -3.06 -19.27
N THR B 50 -2.45 -2.53 -18.43
CA THR B 50 -3.77 -2.05 -18.87
C THR B 50 -3.87 -0.56 -18.58
N LEU B 51 -4.64 0.15 -19.39
CA LEU B 51 -4.86 1.58 -19.14
C LEU B 51 -6.13 2.11 -19.81
N ASP B 52 -6.55 3.27 -19.34
CA ASP B 52 -7.72 3.96 -19.88
C ASP B 52 -7.38 4.55 -21.24
N ASN B 53 -8.14 4.16 -22.27
CA ASN B 53 -7.86 4.61 -23.63
C ASN B 53 -8.48 5.97 -23.94
N SER B 54 -8.86 6.71 -22.90
CA SER B 54 -9.43 8.04 -23.07
C SER B 54 -8.40 9.04 -23.59
N THR B 55 -7.12 8.71 -23.43
CA THR B 55 -6.04 9.62 -23.82
C THR B 55 -4.84 8.88 -24.41
N ASP B 56 -3.93 9.65 -24.98
CA ASP B 56 -2.60 9.15 -25.30
C ASP B 56 -1.77 9.17 -24.02
N TYR B 57 -0.55 8.64 -24.10
CA TYR B 57 0.37 8.66 -22.97
C TYR B 57 1.80 8.87 -23.45
N SER B 58 2.66 9.31 -22.53
CA SER B 58 4.08 9.44 -22.79
C SER B 58 4.83 8.29 -22.14
N LEU B 59 5.82 7.75 -22.85
CA LEU B 59 6.65 6.66 -22.35
C LEU B 59 8.09 7.12 -22.12
N ILE B 60 8.58 6.91 -20.89
CA ILE B 60 9.99 7.12 -20.58
C ILE B 60 10.64 5.80 -20.20
N LEU B 61 11.35 5.21 -21.16
CA LEU B 61 12.12 4.01 -20.88
C LEU B 61 13.38 4.40 -20.11
N ASN B 62 13.73 3.61 -19.10
CA ASN B 62 14.83 3.97 -18.21
C ASN B 62 15.52 2.75 -17.61
N ASP B 63 16.69 2.98 -17.00
CA ASP B 63 17.46 1.90 -16.40
C ASP B 63 17.02 1.65 -14.96
N ASP B 64 15.73 1.45 -14.78
CA ASP B 64 15.14 1.22 -13.46
C ASP B 64 15.30 2.45 -12.56
N GLY B 65 15.30 3.63 -13.18
CA GLY B 65 15.22 4.87 -12.43
C GLY B 65 16.53 5.50 -12.04
N HIS B 66 17.64 4.80 -12.30
CA HIS B 66 18.96 5.31 -11.93
C HIS B 66 19.54 6.21 -13.03
N GLY B 67 20.75 5.91 -13.49
CA GLY B 67 21.46 6.78 -14.43
C GLY B 67 20.68 7.25 -15.64
N ASN B 68 20.47 6.35 -16.60
CA ASN B 68 19.98 6.73 -17.93
C ASN B 68 18.46 6.59 -18.11
N GLN B 69 17.86 7.61 -18.71
CA GLN B 69 16.46 7.55 -19.14
C GLN B 69 16.32 8.18 -20.51
N LEU B 70 15.53 7.56 -21.37
CA LEU B 70 15.34 8.04 -22.74
C LEU B 70 14.40 9.23 -22.78
N LYS B 71 14.44 9.95 -23.91
CA LYS B 71 13.50 11.02 -24.17
C LYS B 71 12.09 10.44 -24.26
N ASP B 72 11.10 11.19 -23.80
CA ASP B 72 9.73 10.71 -23.79
C ASP B 72 9.15 10.62 -25.20
N VAL B 73 8.51 9.49 -25.50
CA VAL B 73 7.82 9.29 -26.77
C VAL B 73 6.33 9.06 -26.54
N THR B 74 5.51 9.50 -27.50
CA THR B 74 4.07 9.41 -27.37
C THR B 74 3.55 8.04 -27.79
N LEU B 75 2.71 7.46 -26.94
CA LEU B 75 1.97 6.25 -27.29
C LEU B 75 0.57 6.65 -27.73
N SER B 76 0.25 6.39 -28.99
CA SER B 76 -1.04 6.78 -29.56
C SER B 76 -2.13 5.78 -29.17
N THR B 77 -2.48 5.78 -27.88
CA THR B 77 -3.39 4.79 -27.33
C THR B 77 -4.85 5.24 -27.35
N LYS B 78 -5.08 6.52 -27.58
CA LYS B 78 -6.42 7.09 -27.51
C LYS B 78 -7.38 6.36 -28.45
N GLY B 79 -8.41 5.75 -27.87
CA GLY B 79 -9.47 5.11 -28.64
C GLY B 79 -9.21 3.65 -28.99
N LYS B 80 -7.97 3.21 -28.81
CA LYS B 80 -7.59 1.84 -29.17
C LYS B 80 -8.10 0.81 -28.16
N ALA B 81 -8.28 -0.42 -28.63
CA ALA B 81 -8.69 -1.53 -27.78
C ALA B 81 -7.48 -2.39 -27.43
N GLU B 82 -6.41 -2.23 -28.20
CA GLU B 82 -5.24 -3.08 -28.09
C GLU B 82 -4.05 -2.43 -28.78
N ALA B 83 -2.87 -2.52 -28.18
CA ALA B 83 -1.67 -1.96 -28.79
C ALA B 83 -0.42 -2.69 -28.33
N GLU B 84 0.49 -2.93 -29.27
CA GLU B 84 1.81 -3.46 -28.97
C GLU B 84 2.87 -2.66 -29.71
N TYR B 85 3.89 -2.22 -28.98
CA TYR B 85 4.96 -1.40 -29.56
C TYR B 85 6.30 -2.12 -29.48
N TRP B 86 7.16 -1.84 -30.46
CA TRP B 86 8.56 -2.26 -30.44
C TRP B 86 9.45 -1.03 -30.52
N PHE B 87 10.35 -0.89 -29.54
CA PHE B 87 11.30 0.23 -29.54
C PHE B 87 12.72 -0.29 -29.75
N ASP B 88 13.22 -0.07 -30.95
CA ASP B 88 14.60 -0.41 -31.30
C ASP B 88 15.21 0.79 -32.01
N GLY B 89 15.66 1.76 -31.22
CA GLY B 89 16.15 3.01 -31.75
C GLY B 89 15.04 4.03 -31.87
N SER B 90 13.88 3.59 -32.35
CA SER B 90 12.71 4.44 -32.45
C SER B 90 11.45 3.62 -32.21
N LEU B 91 10.33 4.31 -31.97
CA LEU B 91 9.08 3.64 -31.65
C LEU B 91 8.37 3.14 -32.91
N SER B 92 7.95 1.88 -32.88
CA SER B 92 7.23 1.28 -34.00
C SER B 92 6.09 0.40 -33.50
N GLU B 93 5.02 0.30 -34.30
CA GLU B 93 3.93 -0.62 -34.02
C GLU B 93 3.98 -1.82 -34.97
N THR B 94 5.04 -1.90 -35.77
CA THR B 94 5.22 -2.99 -36.72
C THR B 94 6.01 -4.14 -36.09
N LYS B 95 5.41 -5.32 -36.09
CA LYS B 95 6.06 -6.51 -35.56
C LYS B 95 7.25 -6.89 -36.44
N PRO B 96 8.43 -7.10 -35.84
CA PRO B 96 9.55 -7.61 -36.63
C PRO B 96 9.21 -8.94 -37.29
N ALA B 97 9.82 -9.23 -38.44
CA ALA B 97 9.43 -10.37 -39.27
C ALA B 97 9.59 -11.71 -38.54
N ASP B 98 10.58 -11.80 -37.65
CA ASP B 98 10.91 -13.08 -37.02
C ASP B 98 10.13 -13.35 -35.74
N TRP B 99 9.33 -12.38 -35.30
CA TRP B 99 8.56 -12.53 -34.07
C TRP B 99 7.29 -13.37 -34.30
N LYS B 100 7.06 -14.32 -33.40
CA LYS B 100 5.86 -15.15 -33.43
C LYS B 100 4.90 -14.72 -32.34
N TYR B 101 3.66 -15.21 -32.42
CA TYR B 101 2.68 -14.98 -31.37
C TYR B 101 2.71 -16.14 -30.38
N VAL B 102 3.37 -15.92 -29.25
CA VAL B 102 3.56 -16.96 -28.25
C VAL B 102 2.58 -16.79 -27.08
N THR B 103 1.68 -17.75 -26.93
CA THR B 103 0.68 -17.70 -25.86
C THR B 103 1.00 -18.72 -24.78
N THR B 104 1.24 -18.23 -23.56
CA THR B 104 1.56 -19.09 -22.43
C THR B 104 0.36 -19.20 -21.49
N ILE B 105 0.00 -20.43 -21.14
CA ILE B 105 -1.12 -20.68 -20.25
C ILE B 105 -0.71 -21.57 -19.09
N HIS B 106 -0.90 -21.07 -17.87
CA HIS B 106 -0.59 -21.83 -16.66
C HIS B 106 -1.87 -22.43 -16.11
N TYR B 107 -1.81 -23.69 -15.70
CA TYR B 107 -2.95 -24.36 -15.07
C TYR B 107 -2.56 -24.90 -13.70
N LEU B 108 -3.35 -24.56 -12.69
CA LEU B 108 -3.14 -25.05 -11.34
C LEU B 108 -3.86 -26.38 -11.14
N ALA B 109 -3.10 -27.46 -11.13
CA ALA B 109 -3.65 -28.81 -10.98
C ALA B 109 -3.78 -29.17 -9.50
N SER B 110 -4.99 -29.49 -9.08
CA SER B 110 -5.25 -29.89 -7.70
C SER B 110 -6.21 -31.08 -7.63
N GLY B 111 -5.81 -32.10 -6.89
CA GLY B 111 -6.65 -33.27 -6.68
C GLY B 111 -7.01 -34.03 -7.93
N MET B 112 -6.11 -34.06 -8.91
CA MET B 112 -6.35 -34.74 -10.17
C MET B 112 -5.10 -35.45 -10.68
N GLY B 113 -4.16 -35.71 -9.77
CA GLY B 113 -2.94 -36.42 -10.11
C GLY B 113 -1.87 -35.48 -10.64
N SER B 114 -0.75 -36.06 -11.08
CA SER B 114 0.39 -35.29 -11.56
C SER B 114 0.63 -35.47 -13.06
N THR B 115 -0.27 -36.21 -13.72
CA THR B 115 -0.21 -36.37 -15.17
C THR B 115 -1.26 -35.48 -15.81
N ILE B 116 -0.80 -34.39 -16.42
CA ILE B 116 -1.69 -33.35 -16.94
C ILE B 116 -1.56 -33.21 -18.46
N TYR B 117 -2.69 -33.03 -19.12
CA TYR B 117 -2.76 -32.87 -20.57
C TYR B 117 -3.41 -31.55 -20.94
N ASN B 118 -3.11 -31.07 -22.15
CA ASN B 118 -3.83 -29.94 -22.72
C ASN B 118 -4.31 -30.28 -24.11
N TYR B 119 -5.63 -30.23 -24.30
CA TYR B 119 -6.25 -30.44 -25.59
C TYR B 119 -6.64 -29.09 -26.17
N MET B 120 -6.21 -28.83 -27.40
CA MET B 120 -6.36 -27.51 -28.02
C MET B 120 -6.93 -27.61 -29.43
N TRP B 121 -7.77 -26.64 -29.80
CA TRP B 121 -8.36 -26.58 -31.13
C TRP B 121 -8.68 -25.14 -31.52
N GLY B 122 -8.78 -24.90 -32.84
CA GLY B 122 -9.20 -23.60 -33.35
C GLY B 122 -8.06 -22.65 -33.69
N ALA B 123 -6.83 -23.14 -33.58
CA ALA B 123 -5.65 -22.30 -33.85
C ALA B 123 -5.27 -22.32 -35.32
N ASP B 124 -4.34 -21.44 -35.69
CA ASP B 124 -3.84 -21.36 -37.05
C ASP B 124 -3.02 -22.60 -37.41
N ALA B 125 -2.86 -22.87 -38.70
CA ALA B 125 -2.14 -24.05 -39.16
C ALA B 125 -0.66 -24.00 -38.80
N SER B 126 -0.15 -22.81 -38.55
CA SER B 126 1.26 -22.63 -38.19
C SER B 126 1.51 -22.97 -36.72
N ALA B 127 0.45 -23.29 -36.00
CA ALA B 127 0.54 -23.50 -34.55
C ALA B 127 1.48 -24.64 -34.18
N THR B 128 2.28 -24.40 -33.14
CA THR B 128 3.10 -25.44 -32.52
C THR B 128 2.91 -25.40 -31.01
N GLY B 129 2.98 -26.56 -30.38
CA GLY B 129 2.74 -26.68 -28.95
C GLY B 129 2.34 -28.10 -28.59
N ALA B 130 2.23 -28.36 -27.29
CA ALA B 130 1.98 -29.71 -26.80
C ALA B 130 0.76 -30.36 -27.45
N GLY B 131 -0.32 -29.62 -27.55
CA GLY B 131 -1.58 -30.15 -28.06
C GLY B 131 -1.70 -30.18 -29.58
N VAL B 132 -0.71 -29.65 -30.29
CA VAL B 132 -0.74 -29.66 -31.75
C VAL B 132 -0.08 -30.93 -32.28
N GLY B 133 -0.75 -31.77 -33.07
CA GLY B 133 -2.17 -31.70 -33.40
C GLY B 133 -2.75 -33.04 -32.99
N LYS B 134 -2.91 -33.22 -31.69
CA LYS B 134 -3.30 -34.49 -31.10
C LYS B 134 -4.76 -34.48 -30.67
N GLU B 135 -5.41 -35.63 -30.77
CA GLU B 135 -6.78 -35.77 -30.29
C GLU B 135 -6.75 -36.04 -28.79
N TRP B 136 -7.93 -36.06 -28.17
CA TRP B 136 -8.07 -36.25 -26.74
C TRP B 136 -7.21 -37.42 -26.24
N PRO B 137 -6.55 -37.25 -25.08
CA PRO B 137 -6.56 -36.14 -24.13
C PRO B 137 -5.72 -34.92 -24.56
N GLY B 138 -5.09 -35.00 -25.72
CA GLY B 138 -4.22 -33.93 -26.19
C GLY B 138 -2.77 -34.23 -25.86
N GLY B 139 -1.99 -33.17 -25.66
CA GLY B 139 -0.58 -33.31 -25.36
C GLY B 139 -0.26 -33.17 -23.88
N GLN B 140 0.61 -34.05 -23.38
CA GLN B 140 1.02 -33.99 -21.99
C GLN B 140 1.93 -32.77 -21.77
N ILE B 141 1.81 -32.14 -20.61
CA ILE B 141 2.57 -30.95 -20.30
C ILE B 141 3.30 -31.09 -18.97
N SER B 142 4.32 -30.26 -18.76
CA SER B 142 5.20 -30.39 -17.60
C SER B 142 4.88 -29.39 -16.51
N ALA B 143 5.26 -29.73 -15.29
CA ALA B 143 5.04 -28.86 -14.14
C ALA B 143 5.97 -27.66 -14.17
N ASN B 144 5.47 -26.52 -13.70
CA ASN B 144 6.29 -25.32 -13.58
C ASN B 144 7.29 -25.47 -12.45
N ALA B 145 8.55 -25.14 -12.73
CA ALA B 145 9.64 -25.38 -11.79
C ALA B 145 9.60 -24.46 -10.57
N ASP B 146 8.99 -23.29 -10.72
CA ASP B 146 9.06 -22.25 -9.71
C ASP B 146 7.75 -22.02 -8.97
N HIS B 147 6.66 -22.57 -9.49
CA HIS B 147 5.34 -22.36 -8.90
C HIS B 147 4.65 -23.71 -8.70
N LEU B 148 4.60 -24.14 -7.45
CA LEU B 148 4.15 -25.48 -7.10
C LEU B 148 2.69 -25.71 -7.48
N GLY B 149 2.45 -26.85 -8.13
CA GLY B 149 1.11 -27.26 -8.50
C GLY B 149 0.66 -26.75 -9.86
N TRP B 150 1.45 -25.86 -10.43
CA TRP B 150 1.13 -25.27 -11.74
C TRP B 150 1.75 -26.06 -12.87
N TYR B 151 1.06 -26.09 -14.01
CA TYR B 151 1.55 -26.74 -15.23
C TYR B 151 1.48 -25.75 -16.39
N ASP B 152 2.47 -25.80 -17.26
CA ASP B 152 2.60 -24.84 -18.35
C ASP B 152 2.37 -25.46 -19.72
N VAL B 153 1.67 -24.72 -20.56
CA VAL B 153 1.57 -25.06 -21.98
C VAL B 153 1.79 -23.77 -22.78
N VAL B 154 2.48 -23.90 -23.91
CA VAL B 154 2.82 -22.75 -24.74
C VAL B 154 2.49 -23.03 -26.20
N TYR B 155 1.65 -22.17 -26.79
CA TYR B 155 1.27 -22.28 -28.18
C TYR B 155 1.79 -21.11 -29.00
N THR B 156 2.60 -21.42 -30.01
CA THR B 156 3.23 -20.42 -30.85
C THR B 156 2.61 -20.44 -32.25
N GLN B 157 2.24 -19.25 -32.74
CA GLN B 157 1.61 -19.11 -34.05
C GLN B 157 2.27 -18.01 -34.86
N ASP B 158 2.12 -18.07 -36.18
CA ASP B 158 2.66 -17.05 -37.07
C ASP B 158 1.74 -15.82 -37.12
N VAL B 159 0.49 -16.01 -36.69
CA VAL B 159 -0.51 -14.95 -36.73
C VAL B 159 -1.29 -14.88 -35.42
N LYS B 160 -1.98 -13.75 -35.21
CA LYS B 160 -2.71 -13.53 -33.98
C LYS B 160 -4.09 -14.18 -34.03
N GLN B 161 -4.12 -15.49 -33.79
CA GLN B 161 -5.33 -16.28 -33.94
C GLN B 161 -5.83 -16.79 -32.59
N ASN B 162 -7.06 -16.42 -32.25
CA ASN B 162 -7.70 -16.94 -31.04
C ASN B 162 -7.95 -18.44 -31.16
N PHE B 163 -7.92 -19.13 -30.03
CA PHE B 163 -8.17 -20.56 -30.00
C PHE B 163 -8.82 -20.97 -28.68
N SER B 164 -9.04 -22.26 -28.50
CA SER B 164 -9.65 -22.78 -27.29
C SER B 164 -8.90 -24.02 -26.81
N CYS B 165 -9.00 -24.32 -25.52
CA CYS B 165 -8.34 -25.51 -24.98
C CYS B 165 -8.98 -26.03 -23.70
N ILE B 166 -8.55 -27.23 -23.30
CA ILE B 166 -9.04 -27.90 -22.11
C ILE B 166 -7.89 -28.60 -21.40
N PHE B 167 -7.75 -28.36 -20.10
CA PHE B 167 -6.79 -29.10 -19.28
C PHE B 167 -7.50 -30.30 -18.69
N ASN B 168 -6.80 -31.43 -18.60
CA ASN B 168 -7.40 -32.66 -18.09
C ASN B 168 -6.34 -33.66 -17.62
N ASN B 169 -6.79 -34.71 -16.94
CA ASN B 169 -5.90 -35.78 -16.47
C ASN B 169 -6.18 -37.11 -17.17
N ASN B 170 -6.98 -37.06 -18.24
CA ASN B 170 -7.33 -38.25 -19.02
C ASN B 170 -7.92 -39.36 -18.15
N ASN B 171 -8.49 -38.99 -17.01
CA ASN B 171 -9.04 -39.96 -16.09
C ASN B 171 -10.30 -39.46 -15.38
N GLY B 172 -11.00 -38.53 -16.02
CA GLY B 172 -12.31 -38.09 -15.56
C GLY B 172 -12.40 -36.67 -15.04
N THR B 173 -11.25 -36.03 -14.82
CA THR B 173 -11.22 -34.64 -14.36
C THR B 173 -10.67 -33.71 -15.44
N GLN B 174 -11.42 -32.67 -15.77
CA GLN B 174 -11.00 -31.70 -16.76
C GLN B 174 -11.59 -30.33 -16.46
N THR B 175 -11.14 -29.31 -17.20
CA THR B 175 -11.70 -27.97 -17.09
C THR B 175 -12.86 -27.80 -18.04
N ASP B 176 -13.66 -26.77 -17.83
CA ASP B 176 -14.58 -26.33 -18.86
C ASP B 176 -13.77 -25.78 -20.03
N ASN B 177 -14.43 -25.50 -21.14
CA ASN B 177 -13.76 -24.90 -22.28
C ASN B 177 -13.13 -23.57 -21.92
N ILE B 178 -11.88 -23.39 -22.33
CA ILE B 178 -11.15 -22.14 -22.12
C ILE B 178 -10.96 -21.44 -23.46
N ASP B 179 -11.63 -20.30 -23.64
CA ASP B 179 -11.53 -19.53 -24.87
C ASP B 179 -10.44 -18.48 -24.75
N VAL B 180 -9.34 -18.68 -25.48
CA VAL B 180 -8.16 -17.84 -25.37
C VAL B 180 -8.16 -16.71 -26.39
N SER B 181 -8.05 -15.48 -25.88
CA SER B 181 -7.90 -14.30 -26.74
C SER B 181 -6.44 -13.87 -26.80
N VAL B 182 -5.84 -13.98 -27.98
CA VAL B 182 -4.47 -13.53 -28.18
C VAL B 182 -4.43 -12.02 -28.36
N THR B 183 -3.82 -11.33 -27.40
CA THR B 183 -3.83 -9.86 -27.37
C THR B 183 -2.44 -9.24 -27.57
N SER B 184 -1.44 -10.09 -27.78
CA SER B 184 -0.07 -9.62 -28.06
C SER B 184 0.79 -10.79 -28.51
N THR B 185 2.06 -10.53 -28.77
CA THR B 185 2.99 -11.60 -29.15
C THR B 185 3.42 -12.43 -27.94
N SER B 186 3.07 -11.97 -26.74
CA SER B 186 3.41 -12.69 -25.51
C SER B 186 2.24 -12.68 -24.52
N THR B 187 1.09 -13.18 -24.96
CA THR B 187 -0.07 -13.29 -24.10
C THR B 187 0.15 -14.35 -23.02
N GLU B 188 -0.22 -14.02 -21.79
CA GLU B 188 -0.07 -14.94 -20.67
C GLU B 188 -1.38 -15.07 -19.89
N LEU B 189 -1.75 -16.30 -19.54
CA LEU B 189 -2.99 -16.57 -18.82
C LEU B 189 -2.77 -17.58 -17.70
N TRP B 190 -3.59 -17.47 -16.66
CA TRP B 190 -3.61 -18.42 -15.55
C TRP B 190 -5.00 -19.01 -15.41
N VAL B 191 -5.07 -20.33 -15.22
CA VAL B 191 -6.34 -21.03 -15.12
C VAL B 191 -6.38 -21.90 -13.88
N THR B 192 -7.52 -21.89 -13.19
CA THR B 192 -7.74 -22.72 -12.00
C THR B 192 -9.09 -23.43 -12.08
N GLY B 193 -9.25 -24.46 -11.26
CA GLY B 193 -10.52 -25.16 -11.13
C GLY B 193 -10.75 -26.21 -12.20
N THR B 194 -11.89 -26.90 -12.07
CA THR B 194 -12.30 -27.92 -13.03
C THR B 194 -13.72 -27.63 -13.51
N LYS B 195 -14.35 -28.59 -14.19
CA LYS B 195 -15.69 -28.37 -14.75
C LYS B 195 -16.68 -27.89 -13.68
N GLY B 196 -17.34 -26.77 -13.97
CA GLY B 196 -18.30 -26.18 -13.05
C GLY B 196 -17.74 -25.00 -12.27
N ASP B 197 -16.43 -24.81 -12.33
CA ASP B 197 -15.79 -23.71 -11.61
C ASP B 197 -14.41 -23.43 -12.19
N THR B 198 -14.34 -23.31 -13.51
CA THR B 198 -13.10 -22.97 -14.19
C THR B 198 -12.96 -21.45 -14.27
N THR B 199 -11.84 -20.93 -13.78
CA THR B 199 -11.58 -19.49 -13.77
C THR B 199 -10.34 -19.14 -14.58
N VAL B 200 -10.47 -18.15 -15.45
CA VAL B 200 -9.35 -17.68 -16.27
C VAL B 200 -8.92 -16.29 -15.82
N TYR B 201 -7.64 -16.16 -15.48
CA TYR B 201 -7.09 -14.89 -15.02
C TYR B 201 -6.15 -14.27 -16.06
N LYS B 202 -6.40 -13.01 -16.39
CA LYS B 202 -5.50 -12.26 -17.29
C LYS B 202 -4.35 -11.64 -16.50
N THR B 203 -4.43 -11.76 -15.18
CA THR B 203 -3.41 -11.25 -14.27
C THR B 203 -3.13 -12.31 -13.22
N ALA B 204 -1.86 -12.51 -12.90
CA ALA B 204 -1.44 -13.58 -11.99
C ALA B 204 -2.22 -13.55 -10.68
N PRO B 205 -2.96 -14.63 -10.36
CA PRO B 205 -3.72 -14.65 -9.10
C PRO B 205 -2.82 -14.90 -7.91
N ASP B 206 -3.37 -14.81 -6.70
CA ASP B 206 -2.60 -14.97 -5.48
C ASP B 206 -1.97 -16.36 -5.38
N SER B 207 -2.64 -17.36 -5.93
CA SER B 207 -2.17 -18.74 -5.86
C SER B 207 -0.93 -18.94 -6.74
N TRP B 208 -0.58 -17.94 -7.53
CA TRP B 208 0.61 -18.00 -8.37
C TRP B 208 1.88 -17.82 -7.53
N GLU B 209 1.88 -16.80 -6.68
CA GLU B 209 2.99 -16.57 -5.75
C GLU B 209 2.72 -17.24 -4.41
N MET C 1 4.12 20.62 10.46
CA MET C 1 3.47 21.20 11.67
C MET C 1 2.46 20.21 12.25
N ASP C 2 2.28 20.25 13.56
CA ASP C 2 1.40 19.32 14.24
C ASP C 2 -0.03 19.87 14.32
N LEU C 3 -0.97 19.14 13.71
CA LEU C 3 -2.37 19.53 13.69
C LEU C 3 -3.18 18.65 14.64
N THR C 4 -4.10 19.29 15.37
CA THR C 4 -5.04 18.59 16.23
C THR C 4 -6.44 19.15 16.01
N ILE C 5 -7.40 18.25 15.81
CA ILE C 5 -8.79 18.63 15.61
C ILE C 5 -9.68 17.88 16.59
N ASN C 6 -10.38 18.64 17.43
CA ASN C 6 -11.37 18.09 18.34
C ASN C 6 -12.77 18.44 17.85
N TYR C 7 -13.63 17.42 17.72
CA TYR C 7 -14.96 17.60 17.15
C TYR C 7 -16.05 17.06 18.08
N LYS C 8 -16.99 17.93 18.45
CA LYS C 8 -18.15 17.50 19.20
C LYS C 8 -19.20 17.00 18.21
N SER C 9 -19.33 15.68 18.14
CA SER C 9 -20.08 15.05 17.06
C SER C 9 -21.58 15.27 17.13
N THR C 10 -22.15 15.63 15.98
CA THR C 10 -23.60 15.65 15.79
C THR C 10 -23.96 14.63 14.72
N LEU C 11 -23.05 13.69 14.46
CA LEU C 11 -23.21 12.72 13.36
C LEU C 11 -23.08 11.28 13.82
N GLY C 12 -23.06 11.06 15.13
CA GLY C 12 -22.89 9.73 15.68
C GLY C 12 -21.48 9.53 16.22
N ASP C 13 -21.12 8.26 16.46
CA ASP C 13 -19.83 7.96 17.09
C ASP C 13 -18.78 7.48 16.08
N ASP C 14 -19.19 7.32 14.82
CA ASP C 14 -18.27 7.01 13.74
C ASP C 14 -18.06 8.25 12.87
N VAL C 15 -16.99 8.99 13.14
CA VAL C 15 -16.70 10.22 12.42
C VAL C 15 -15.25 10.27 11.95
N ALA C 16 -15.02 10.98 10.85
CA ALA C 16 -13.69 11.11 10.26
C ALA C 16 -13.45 12.53 9.78
N ALA C 17 -12.18 12.89 9.65
CA ALA C 17 -11.79 14.21 9.18
C ALA C 17 -11.10 14.11 7.82
N TYR C 18 -11.76 14.66 6.81
CA TYR C 18 -11.20 14.71 5.45
C TYR C 18 -10.58 16.08 5.21
N ILE C 19 -9.27 16.09 5.00
CA ILE C 19 -8.53 17.35 4.81
C ILE C 19 -7.94 17.39 3.40
N TYR C 20 -8.04 18.54 2.76
CA TYR C 20 -7.53 18.68 1.39
C TYR C 20 -7.13 20.10 1.03
N LYS C 21 -6.19 20.20 0.10
CA LYS C 21 -5.83 21.46 -0.53
C LYS C 21 -5.46 21.14 -1.98
N GLU C 22 -6.33 21.54 -2.90
CA GLU C 22 -6.22 21.13 -4.30
C GLU C 22 -6.26 19.60 -4.38
N THR C 23 -5.17 18.98 -4.83
CA THR C 23 -5.11 17.53 -4.96
C THR C 23 -4.34 16.89 -3.80
N ASN C 24 -3.86 17.72 -2.88
CA ASN C 24 -3.16 17.23 -1.71
C ASN C 24 -4.15 16.81 -0.63
N LYS C 25 -3.98 15.60 -0.10
CA LYS C 25 -4.92 15.04 0.89
C LYS C 25 -4.16 14.46 2.09
N PRO C 26 -3.78 15.31 3.05
CA PRO C 26 -2.95 14.91 4.20
C PRO C 26 -3.56 13.81 5.07
N ALA C 27 -4.89 13.77 5.18
CA ALA C 27 -5.56 12.79 6.03
C ALA C 27 -6.00 11.55 5.26
N GLY C 28 -5.57 11.46 4.00
CA GLY C 28 -5.84 10.30 3.17
C GLY C 28 -7.04 10.49 2.26
N GLU C 29 -7.29 9.50 1.41
CA GLU C 29 -8.45 9.50 0.53
C GLU C 29 -9.73 9.54 1.35
N TRP C 30 -10.82 9.98 0.73
CA TRP C 30 -12.13 9.98 1.37
C TRP C 30 -12.37 8.65 2.09
N PRO C 31 -12.91 8.68 3.31
CA PRO C 31 -13.40 9.82 4.09
C PRO C 31 -12.34 10.50 4.97
N GLY C 32 -11.07 10.19 4.74
CA GLY C 32 -10.00 10.80 5.51
C GLY C 32 -9.57 9.94 6.69
N LYS C 33 -9.28 10.58 7.82
CA LYS C 33 -8.75 9.90 9.00
C LYS C 33 -9.79 9.83 10.12
N THR C 34 -9.96 8.63 10.68
CA THR C 34 -10.91 8.42 11.77
C THR C 34 -10.53 9.25 13.00
N MET C 35 -11.53 9.78 13.67
CA MET C 35 -11.34 10.53 14.91
C MET C 35 -11.66 9.65 16.11
N THR C 36 -10.75 9.61 17.08
CA THR C 36 -10.89 8.74 18.24
C THR C 36 -11.58 9.48 19.38
N ALA C 37 -12.39 8.76 20.13
CA ALA C 37 -13.12 9.32 21.27
C ALA C 37 -12.16 10.01 22.24
N THR C 38 -12.45 11.28 22.52
CA THR C 38 -11.58 12.10 23.37
C THR C 38 -11.69 11.67 24.84
N ALA C 39 -10.56 11.32 25.43
CA ALA C 39 -10.51 10.93 26.83
C ALA C 39 -10.81 12.13 27.73
N GLY C 40 -11.80 11.96 28.61
CA GLY C 40 -12.16 13.01 29.54
C GLY C 40 -13.20 13.98 29.00
N HIS C 41 -13.69 13.72 27.79
CA HIS C 41 -14.69 14.58 27.17
C HIS C 41 -15.70 13.78 26.36
N GLU C 42 -16.76 13.35 27.01
CA GLU C 42 -17.82 12.58 26.36
C GLU C 42 -18.42 13.39 25.21
N GLY C 43 -18.65 12.72 24.09
CA GLY C 43 -19.26 13.35 22.92
C GLY C 43 -18.24 13.99 21.98
N TRP C 44 -17.01 14.13 22.46
CA TRP C 44 -15.93 14.70 21.65
C TRP C 44 -15.09 13.61 21.00
N TYR C 45 -14.50 13.95 19.85
CA TYR C 45 -13.62 13.04 19.13
C TYR C 45 -12.41 13.81 18.61
N THR C 46 -11.24 13.17 18.62
CA THR C 46 -9.98 13.84 18.31
C THR C 46 -9.16 13.08 17.27
N MET C 47 -8.46 13.84 16.41
CA MET C 47 -7.51 13.26 15.47
C MET C 47 -6.25 14.12 15.43
N HIS C 48 -5.09 13.47 15.30
CA HIS C 48 -3.82 14.16 15.16
C HIS C 48 -3.23 13.90 13.78
N LEU C 49 -2.47 14.85 13.28
CA LEU C 49 -1.92 14.76 11.94
C LEU C 49 -0.75 15.74 11.77
N THR C 50 0.15 15.42 10.85
CA THR C 50 1.21 16.34 10.45
C THR C 50 0.96 16.77 9.02
N LEU C 51 1.38 17.99 8.67
CA LEU C 51 1.21 18.47 7.31
C LEU C 51 2.14 19.63 6.96
N ASP C 52 2.33 19.83 5.66
CA ASP C 52 3.14 20.93 5.14
C ASP C 52 2.43 22.26 5.40
N ASN C 53 3.12 23.17 6.11
CA ASN C 53 2.51 24.45 6.45
C ASN C 53 2.68 25.51 5.37
N SER C 54 2.99 25.06 4.15
CA SER C 54 3.17 25.98 3.03
C SER C 54 1.85 26.62 2.62
N THR C 55 0.74 26.00 3.01
CA THR C 55 -0.59 26.46 2.61
C THR C 55 -1.60 26.29 3.73
N ASP C 56 -2.82 26.74 3.46
CA ASP C 56 -3.97 26.41 4.30
C ASP C 56 -4.58 25.10 3.80
N TYR C 57 -5.59 24.61 4.50
CA TYR C 57 -6.31 23.41 4.08
C TYR C 57 -7.79 23.55 4.39
N SER C 58 -8.61 22.74 3.72
CA SER C 58 -10.04 22.67 4.00
C SER C 58 -10.36 21.39 4.75
N LEU C 59 -11.35 21.45 5.64
CA LEU C 59 -11.74 20.31 6.46
C LEU C 59 -13.21 19.94 6.24
N ILE C 60 -13.44 18.69 5.85
CA ILE C 60 -14.79 18.14 5.76
C ILE C 60 -14.97 17.05 6.81
N LEU C 61 -15.68 17.39 7.88
CA LEU C 61 -16.04 16.41 8.90
C LEU C 61 -17.20 15.57 8.37
N ASN C 62 -17.14 14.26 8.60
CA ASN C 62 -18.13 13.34 8.04
C ASN C 62 -18.33 12.10 8.90
N ASP C 63 -19.42 11.39 8.69
CA ASP C 63 -19.71 10.17 9.45
C ASP C 63 -19.06 8.96 8.78
N ASP C 64 -17.75 9.03 8.63
CA ASP C 64 -16.97 7.94 8.03
C ASP C 64 -17.32 7.75 6.55
N GLY C 65 -17.69 8.84 5.91
CA GLY C 65 -17.97 8.88 4.51
C GLY C 65 -19.30 8.45 3.98
N HIS C 66 -20.20 8.11 4.85
CA HIS C 66 -21.50 7.68 4.47
C HIS C 66 -22.52 8.79 4.27
N GLY C 67 -23.63 8.73 4.97
CA GLY C 67 -24.69 9.68 4.77
C GLY C 67 -24.57 11.15 5.10
N ASN C 68 -23.61 11.53 5.90
CA ASN C 68 -23.49 12.89 6.29
C ASN C 68 -22.10 13.49 6.33
N GLN C 69 -21.96 14.60 5.66
CA GLN C 69 -20.71 15.35 5.68
C GLN C 69 -21.01 16.84 5.85
N LEU C 70 -20.19 17.51 6.66
CA LEU C 70 -20.38 18.93 6.92
C LEU C 70 -19.81 19.80 5.80
N LYS C 71 -20.27 21.06 5.75
CA LYS C 71 -19.70 22.04 4.85
C LYS C 71 -18.21 22.22 5.16
N ASP C 72 -17.40 22.30 4.11
CA ASP C 72 -15.96 22.47 4.29
C ASP C 72 -15.65 23.79 4.97
N VAL C 73 -14.70 23.75 5.91
CA VAL C 73 -14.20 24.96 6.58
C VAL C 73 -12.69 25.05 6.41
N THR C 74 -12.17 26.27 6.38
CA THR C 74 -10.75 26.49 6.17
C THR C 74 -9.96 26.38 7.46
N LEU C 75 -8.82 25.69 7.38
CA LEU C 75 -7.87 25.61 8.48
C LEU C 75 -6.71 26.55 8.19
N SER C 76 -6.56 27.57 9.03
CA SER C 76 -5.52 28.58 8.85
C SER C 76 -4.17 28.07 9.34
N THR C 77 -3.58 27.15 8.60
CA THR C 77 -2.36 26.46 9.02
C THR C 77 -1.09 27.06 8.43
N LYS C 78 -1.23 27.92 7.43
CA LYS C 78 -0.08 28.46 6.73
C LYS C 78 0.87 29.21 7.67
N GLY C 79 2.14 28.82 7.65
CA GLY C 79 3.16 29.48 8.44
C GLY C 79 3.27 28.97 9.86
N LYS C 80 2.19 28.37 10.37
CA LYS C 80 2.16 27.88 11.73
C LYS C 80 3.05 26.65 11.93
N ALA C 81 3.44 26.42 13.17
CA ALA C 81 4.22 25.24 13.54
C ALA C 81 3.40 24.30 14.42
N GLU C 82 2.24 24.78 14.85
CA GLU C 82 1.40 24.06 15.79
C GLU C 82 0.00 24.67 15.80
N ALA C 83 -1.02 23.81 15.71
CA ALA C 83 -2.40 24.29 15.69
C ALA C 83 -3.37 23.25 16.25
N GLU C 84 -4.27 23.71 17.11
CA GLU C 84 -5.34 22.87 17.64
C GLU C 84 -6.67 23.59 17.49
N TYR C 85 -7.66 22.88 16.95
CA TYR C 85 -8.98 23.45 16.70
C TYR C 85 -10.06 22.70 17.49
N TRP C 86 -11.14 23.42 17.77
CA TRP C 86 -12.32 22.83 18.39
C TRP C 86 -13.55 23.14 17.55
N PHE C 87 -14.26 22.11 17.11
CA PHE C 87 -15.47 22.28 16.33
C PHE C 87 -16.69 21.88 17.14
N ASP C 88 -17.41 22.89 17.61
CA ASP C 88 -18.65 22.70 18.36
C ASP C 88 -19.74 23.57 17.72
N GLY C 89 -20.25 23.13 16.57
CA GLY C 89 -21.19 23.90 15.78
C GLY C 89 -20.46 24.76 14.75
N SER C 90 -19.27 25.21 15.11
CA SER C 90 -18.43 25.99 14.20
C SER C 90 -16.97 25.89 14.62
N LEU C 91 -16.08 26.30 13.73
CA LEU C 91 -14.64 26.15 13.96
C LEU C 91 -14.09 27.24 14.90
N SER C 92 -13.31 26.80 15.88
CA SER C 92 -12.69 27.72 16.83
C SER C 92 -11.28 27.27 17.20
N GLU C 93 -10.40 28.24 17.44
CA GLU C 93 -9.04 27.96 17.89
C GLU C 93 -8.91 28.22 19.39
N THR C 94 -10.05 28.42 20.06
CA THR C 94 -10.07 28.71 21.48
C THR C 94 -10.36 27.45 22.30
N LYS C 95 -9.42 27.07 23.16
CA LYS C 95 -9.59 25.95 24.06
C LYS C 95 -10.74 26.23 25.01
N PRO C 96 -11.68 25.28 25.16
CA PRO C 96 -12.72 25.49 26.17
C PRO C 96 -12.14 25.55 27.58
N ALA C 97 -12.90 26.13 28.52
CA ALA C 97 -12.38 26.41 29.85
C ALA C 97 -12.03 25.14 30.62
N ASP C 98 -12.87 24.12 30.52
CA ASP C 98 -12.73 22.91 31.32
C ASP C 98 -11.73 21.90 30.74
N TRP C 99 -11.07 22.28 29.64
CA TRP C 99 -10.12 21.39 28.99
C TRP C 99 -8.72 21.52 29.57
N LYS C 100 -8.11 20.40 29.90
CA LYS C 100 -6.76 20.36 30.43
C LYS C 100 -5.78 19.92 29.35
N TYR C 101 -4.48 20.02 29.63
CA TYR C 101 -3.44 19.50 28.75
C TYR C 101 -2.97 18.14 29.23
N VAL C 102 -3.55 17.08 28.65
CA VAL C 102 -3.26 15.71 29.07
C VAL C 102 -2.18 15.10 28.18
N THR C 103 -1.01 14.86 28.78
CA THR C 103 0.10 14.24 28.06
C THR C 103 0.22 12.77 28.43
N THR C 104 0.06 11.90 27.45
CA THR C 104 0.15 10.46 27.65
C THR C 104 1.46 9.92 27.08
N ILE C 105 2.17 9.13 27.89
CA ILE C 105 3.44 8.56 27.48
C ILE C 105 3.45 7.05 27.71
N HIS C 106 3.69 6.30 26.64
CA HIS C 106 3.78 4.85 26.70
C HIS C 106 5.23 4.39 26.72
N TYR C 107 5.55 3.42 27.58
CA TYR C 107 6.91 2.89 27.65
C TYR C 107 6.90 1.37 27.51
N LEU C 108 7.74 0.88 26.60
CA LEU C 108 7.87 -0.55 26.37
C LEU C 108 8.94 -1.14 27.29
N ALA C 109 8.50 -1.86 28.31
CA ALA C 109 9.40 -2.48 29.28
C ALA C 109 9.80 -3.88 28.85
N SER C 110 11.10 -4.10 28.71
CA SER C 110 11.62 -5.40 28.29
C SER C 110 12.84 -5.79 29.12
N GLY C 111 12.81 -6.98 29.70
CA GLY C 111 13.91 -7.50 30.49
C GLY C 111 14.29 -6.61 31.66
N MET C 112 13.28 -6.17 32.41
CA MET C 112 13.51 -5.31 33.56
C MET C 112 12.40 -5.45 34.60
N GLY C 113 11.71 -6.59 34.57
CA GLY C 113 10.69 -6.89 35.56
C GLY C 113 9.34 -6.27 35.25
N SER C 114 8.33 -6.67 36.01
CA SER C 114 6.96 -6.22 35.77
C SER C 114 6.53 -5.12 36.75
N THR C 115 7.51 -4.48 37.38
CA THR C 115 7.27 -3.36 38.29
C THR C 115 7.98 -2.12 37.77
N ILE C 116 7.20 -1.18 37.24
CA ILE C 116 7.74 0.00 36.57
C ILE C 116 7.41 1.29 37.30
N TYR C 117 8.31 2.26 37.23
CA TYR C 117 8.13 3.58 37.82
C TYR C 117 8.45 4.67 36.81
N ASN C 118 7.77 5.80 36.93
CA ASN C 118 8.12 7.01 36.17
C ASN C 118 8.50 8.14 37.10
N TYR C 119 9.64 8.76 36.83
CA TYR C 119 10.16 9.86 37.63
C TYR C 119 10.18 11.15 36.81
N MET C 120 9.27 12.06 37.15
CA MET C 120 9.05 13.26 36.34
C MET C 120 9.47 14.53 37.09
N TRP C 121 9.92 15.53 36.33
CA TRP C 121 10.31 16.82 36.88
C TRP C 121 10.21 17.92 35.83
N GLY C 122 9.88 19.13 36.28
CA GLY C 122 9.84 20.30 35.40
C GLY C 122 8.44 20.68 34.94
N ALA C 123 7.43 20.14 35.62
CA ALA C 123 6.03 20.37 35.26
C ALA C 123 5.43 21.49 36.09
N ASP C 124 4.26 21.95 35.67
CA ASP C 124 3.52 22.99 36.38
C ASP C 124 2.94 22.43 37.68
N ALA C 125 2.66 23.31 38.63
CA ALA C 125 2.17 22.89 39.94
C ALA C 125 0.78 22.28 39.87
N SER C 126 0.10 22.50 38.75
CA SER C 126 -1.23 21.92 38.53
C SER C 126 -1.14 20.45 38.10
N ALA C 127 0.08 19.94 38.01
CA ALA C 127 0.32 18.60 37.49
C ALA C 127 -0.24 17.50 38.40
N THR C 128 -1.08 16.65 37.82
CA THR C 128 -1.48 15.39 38.47
C THR C 128 -0.93 14.23 37.65
N GLY C 129 -0.75 13.08 38.31
CA GLY C 129 -0.19 11.92 37.65
C GLY C 129 0.41 10.96 38.65
N ALA C 130 1.08 9.94 38.15
CA ALA C 130 1.69 8.94 39.00
C ALA C 130 2.88 9.51 39.77
N GLY C 131 3.78 10.17 39.05
CA GLY C 131 5.05 10.61 39.63
C GLY C 131 5.10 12.07 40.05
N VAL C 132 3.97 12.60 40.54
CA VAL C 132 3.94 13.97 41.05
C VAL C 132 3.72 13.96 42.56
N GLY C 133 4.61 14.53 43.38
CA GLY C 133 5.91 15.09 42.99
C GLY C 133 6.98 14.28 43.71
N LYS C 134 6.91 12.97 43.55
CA LYS C 134 7.74 12.05 44.31
C LYS C 134 9.23 12.20 44.03
N GLU C 135 10.01 11.66 44.95
CA GLU C 135 11.45 11.47 44.78
C GLU C 135 11.66 10.12 44.10
N TRP C 136 12.91 9.79 43.81
CA TRP C 136 13.23 8.50 43.21
C TRP C 136 12.65 7.36 44.05
N PRO C 137 12.05 6.34 43.40
CA PRO C 137 11.95 6.06 41.97
C PRO C 137 10.82 6.80 41.27
N GLY C 138 9.90 7.38 42.02
CA GLY C 138 8.74 8.06 41.46
C GLY C 138 7.47 7.25 41.66
N GLY C 139 6.48 7.46 40.80
CA GLY C 139 5.20 6.80 40.92
C GLY C 139 5.13 5.51 40.13
N GLN C 140 4.62 4.46 40.77
CA GLN C 140 4.45 3.17 40.10
C GLN C 140 3.32 3.26 39.09
N ILE C 141 3.59 2.81 37.87
CA ILE C 141 2.62 2.88 36.78
C ILE C 141 2.17 1.49 36.37
N SER C 142 0.99 1.41 35.75
CA SER C 142 0.38 0.14 35.38
C SER C 142 0.63 -0.21 33.93
N ALA C 143 0.56 -1.51 33.63
CA ALA C 143 0.74 -1.99 32.27
C ALA C 143 -0.46 -1.62 31.41
N ASN C 144 -0.23 -1.40 30.13
CA ASN C 144 -1.31 -1.19 29.18
C ASN C 144 -2.07 -2.49 28.98
N ALA C 145 -3.39 -2.41 28.96
CA ALA C 145 -4.23 -3.61 28.92
C ALA C 145 -4.30 -4.22 27.53
N ASP C 146 -4.10 -3.40 26.49
CA ASP C 146 -4.31 -3.83 25.12
C ASP C 146 -3.01 -3.99 24.34
N HIS C 147 -1.89 -3.60 24.95
CA HIS C 147 -0.59 -3.69 24.29
C HIS C 147 0.45 -4.29 25.22
N LEU C 148 0.82 -5.54 24.94
CA LEU C 148 1.66 -6.32 25.82
C LEU C 148 3.04 -5.68 26.01
N GLY C 149 3.45 -5.57 27.27
CA GLY C 149 4.78 -5.07 27.61
C GLY C 149 4.83 -3.57 27.79
N TRP C 150 3.81 -2.87 27.32
CA TRP C 150 3.77 -1.42 27.41
C TRP C 150 3.20 -0.95 28.75
N TYR C 151 3.74 0.15 29.26
CA TYR C 151 3.28 0.75 30.52
C TYR C 151 2.97 2.23 30.29
N ASP C 152 1.88 2.69 30.89
CA ASP C 152 1.35 4.03 30.62
C ASP C 152 1.49 4.98 31.81
N VAL C 153 1.86 6.21 31.52
CA VAL C 153 1.80 7.30 32.50
C VAL C 153 1.14 8.51 31.85
N VAL C 154 0.26 9.17 32.60
CA VAL C 154 -0.47 10.32 32.10
C VAL C 154 -0.30 11.51 33.04
N TYR C 155 0.15 12.63 32.48
CA TYR C 155 0.37 13.85 33.26
C TYR C 155 -0.55 14.98 32.78
N THR C 156 -1.57 15.26 33.59
CA THR C 156 -2.53 16.30 33.30
C THR C 156 -2.08 17.65 33.87
N GLN C 157 -2.16 18.70 33.05
CA GLN C 157 -1.77 20.04 33.47
C GLN C 157 -2.81 21.07 33.08
N ASP C 158 -2.78 22.22 33.75
CA ASP C 158 -3.69 23.32 33.44
C ASP C 158 -3.14 24.20 32.33
N VAL C 159 -1.85 24.04 32.03
CA VAL C 159 -1.19 24.84 31.01
C VAL C 159 -0.28 23.99 30.13
N LYS C 160 0.11 24.52 28.98
CA LYS C 160 0.94 23.79 28.04
C LYS C 160 2.42 23.88 28.46
N GLN C 161 2.80 23.03 29.41
CA GLN C 161 4.12 23.08 30.02
C GLN C 161 4.95 21.85 29.66
N ASN C 162 6.06 22.06 28.97
CA ASN C 162 7.00 20.99 28.70
C ASN C 162 7.67 20.50 29.98
N PHE C 163 7.95 19.20 30.04
CA PHE C 163 8.59 18.61 31.21
C PHE C 163 9.56 17.51 30.79
N SER C 164 10.05 16.76 31.78
CA SER C 164 10.99 15.67 31.52
C SER C 164 10.75 14.52 32.49
N CYS C 165 11.07 13.30 32.05
CA CYS C 165 10.85 12.13 32.90
C CYS C 165 11.82 10.98 32.62
N ILE C 166 11.79 10.00 33.51
CA ILE C 166 12.59 8.78 33.37
C ILE C 166 11.75 7.57 33.76
N PHE C 167 11.82 6.52 32.95
CA PHE C 167 11.20 5.25 33.31
C PHE C 167 12.25 4.35 33.96
N ASN C 168 11.84 3.57 34.94
CA ASN C 168 12.76 2.69 35.65
C ASN C 168 12.03 1.58 36.41
N ASN C 169 12.78 0.57 36.85
CA ASN C 169 12.23 -0.51 37.67
C ASN C 169 12.85 -0.52 39.05
N ASN C 170 13.46 0.60 39.43
CA ASN C 170 13.99 0.82 40.77
C ASN C 170 15.25 0.00 41.08
N ASN C 171 15.62 -0.89 40.16
CA ASN C 171 16.67 -1.89 40.42
C ASN C 171 17.92 -1.72 39.55
N GLY C 172 18.13 -0.51 39.03
CA GLY C 172 19.33 -0.20 38.28
C GLY C 172 19.09 0.01 36.79
N THR C 173 18.00 -0.54 36.27
CA THR C 173 17.63 -0.36 34.88
C THR C 173 16.68 0.83 34.73
N GLN C 174 17.08 1.78 33.88
CA GLN C 174 16.29 2.97 33.65
C GLN C 174 16.53 3.52 32.25
N THR C 175 15.67 4.42 31.81
CA THR C 175 15.84 5.09 30.53
C THR C 175 16.79 6.27 30.67
N ASP C 176 17.18 6.85 29.54
CA ASP C 176 17.87 8.13 29.55
C ASP C 176 16.85 9.22 29.88
N ASN C 177 17.29 10.47 29.85
CA ASN C 177 16.39 11.60 30.07
C ASN C 177 15.43 11.77 28.89
N ILE C 178 14.14 11.82 29.19
CA ILE C 178 13.10 11.98 28.18
C ILE C 178 12.52 13.39 28.23
N ASP C 179 12.83 14.19 27.22
CA ASP C 179 12.35 15.57 27.15
C ASP C 179 11.03 15.65 26.40
N VAL C 180 9.94 15.77 27.14
CA VAL C 180 8.60 15.81 26.57
C VAL C 180 8.23 17.22 26.11
N SER C 181 7.85 17.34 24.85
CA SER C 181 7.33 18.59 24.29
C SER C 181 5.83 18.50 24.10
N VAL C 182 5.08 19.27 24.89
CA VAL C 182 3.63 19.29 24.77
C VAL C 182 3.22 20.14 23.59
N THR C 183 2.49 19.54 22.65
CA THR C 183 2.13 20.19 21.39
C THR C 183 0.62 20.32 21.22
N SER C 184 -0.14 19.80 22.18
CA SER C 184 -1.61 19.91 22.14
C SER C 184 -2.19 19.48 23.48
N THR C 185 -3.51 19.47 23.57
CA THR C 185 -4.18 19.06 24.81
C THR C 185 -4.20 17.54 24.97
N SER C 186 -3.73 16.82 23.95
CA SER C 186 -3.67 15.36 24.00
C SER C 186 -2.43 14.84 23.30
N THR C 187 -1.27 15.33 23.74
CA THR C 187 0.01 14.87 23.20
C THR C 187 0.25 13.42 23.61
N GLU C 188 0.67 12.60 22.65
CA GLU C 188 0.93 11.19 22.90
C GLU C 188 2.33 10.79 22.41
N LEU C 189 3.06 10.06 23.25
CA LEU C 189 4.42 9.64 22.94
C LEU C 189 4.64 8.17 23.26
N TRP C 190 5.55 7.55 22.51
CA TRP C 190 5.97 6.18 22.76
C TRP C 190 7.48 6.16 22.98
N VAL C 191 7.92 5.41 23.99
CA VAL C 191 9.33 5.33 24.34
C VAL C 191 9.79 3.88 24.44
N THR C 192 10.97 3.60 23.89
CA THR C 192 11.56 2.27 23.94
C THR C 192 13.03 2.34 24.36
N GLY C 193 13.51 1.25 24.95
CA GLY C 193 14.92 1.13 25.30
C GLY C 193 15.23 1.56 26.72
N THR C 194 16.52 1.52 27.06
CA THR C 194 17.00 1.94 28.37
C THR C 194 18.19 2.88 28.17
N LYS C 195 18.92 3.16 29.25
CA LYS C 195 20.07 4.06 29.17
C LYS C 195 21.05 3.58 28.11
N GLY C 196 21.43 4.49 27.21
CA GLY C 196 22.35 4.18 26.14
C GLY C 196 21.67 3.98 24.81
N ASP C 197 20.36 3.79 24.83
CA ASP C 197 19.60 3.61 23.59
C ASP C 197 18.11 3.84 23.83
N THR C 198 17.78 5.00 24.40
CA THR C 198 16.40 5.40 24.59
C THR C 198 15.89 6.09 23.32
N THR C 199 14.74 5.65 22.82
CA THR C 199 14.15 6.19 21.60
C THR C 199 12.74 6.70 21.88
N VAL C 200 12.47 7.93 21.46
CA VAL C 200 11.16 8.55 21.64
C VAL C 200 10.44 8.68 20.30
N TYR C 201 9.22 8.15 20.23
CA TYR C 201 8.42 8.19 19.01
C TYR C 201 7.23 9.12 19.18
N LYS C 202 6.98 9.95 18.17
CA LYS C 202 5.79 10.80 18.13
C LYS C 202 4.65 10.11 17.40
N THR C 203 5.00 9.07 16.66
CA THR C 203 4.03 8.21 15.98
C THR C 203 4.19 6.79 16.50
N ALA C 204 3.08 6.08 16.67
CA ALA C 204 3.10 4.73 17.22
C ALA C 204 4.05 3.82 16.44
N PRO C 205 5.10 3.30 17.11
CA PRO C 205 6.04 2.44 16.39
C PRO C 205 5.45 1.07 16.07
N ASP C 206 6.19 0.26 15.32
CA ASP C 206 5.71 -1.07 14.95
C ASP C 206 5.47 -1.95 16.17
N SER C 207 6.26 -1.75 17.21
CA SER C 207 6.15 -2.55 18.42
C SER C 207 4.88 -2.25 19.22
N TRP C 208 4.19 -1.17 18.85
CA TRP C 208 2.95 -0.80 19.51
C TRP C 208 1.83 -1.79 19.16
N GLU C 209 1.81 -2.22 17.90
CA GLU C 209 0.88 -3.25 17.45
C GLU C 209 1.56 -4.60 17.36
N MET D 1 17.49 9.12 -12.28
CA MET D 1 18.78 9.58 -11.79
C MET D 1 18.91 9.32 -10.28
N ASP D 2 20.15 9.08 -9.84
CA ASP D 2 20.41 8.83 -8.43
C ASP D 2 20.60 10.14 -7.66
N LEU D 3 19.70 10.38 -6.70
CA LEU D 3 19.77 11.56 -5.85
C LEU D 3 20.32 11.19 -4.47
N THR D 4 21.18 12.05 -3.96
CA THR D 4 21.68 11.93 -2.58
C THR D 4 21.64 13.30 -1.93
N ILE D 5 21.17 13.36 -0.69
CA ILE D 5 21.10 14.60 0.05
C ILE D 5 21.67 14.43 1.45
N ASN D 6 22.71 15.20 1.75
CA ASN D 6 23.32 15.20 3.07
C ASN D 6 22.96 16.47 3.82
N TYR D 7 22.41 16.31 5.02
CA TYR D 7 21.92 17.43 5.79
C TYR D 7 22.51 17.46 7.20
N LYS D 8 23.22 18.54 7.51
CA LYS D 8 23.70 18.76 8.87
C LYS D 8 22.57 19.38 9.68
N SER D 9 21.96 18.58 10.54
CA SER D 9 20.70 18.96 11.17
C SER D 9 20.85 20.07 12.20
N THR D 10 19.88 20.97 12.19
CA THR D 10 19.70 21.95 13.25
C THR D 10 18.29 21.80 13.81
N LEU D 11 17.71 20.62 13.62
CA LEU D 11 16.32 20.34 13.98
C LEU D 11 16.16 19.11 14.86
N GLY D 12 17.27 18.45 15.17
CA GLY D 12 17.25 17.24 15.97
C GLY D 12 17.69 16.03 15.17
N ASP D 13 17.53 14.85 15.76
CA ASP D 13 17.99 13.61 15.13
C ASP D 13 16.86 12.88 14.39
N ASP D 14 15.69 13.51 14.30
CA ASP D 14 14.58 12.99 13.52
C ASP D 14 14.23 13.96 12.41
N VAL D 15 14.81 13.73 11.23
CA VAL D 15 14.62 14.63 10.09
C VAL D 15 14.26 13.86 8.83
N ALA D 16 13.58 14.54 7.91
CA ALA D 16 13.15 13.95 6.66
C ALA D 16 13.32 14.95 5.51
N ALA D 17 13.37 14.42 4.29
CA ALA D 17 13.48 15.24 3.08
C ALA D 17 12.22 15.14 2.24
N TYR D 18 11.47 16.24 2.19
CA TYR D 18 10.27 16.31 1.36
C TYR D 18 10.62 16.95 0.01
N ILE D 19 10.39 16.19 -1.06
CA ILE D 19 10.72 16.65 -2.40
C ILE D 19 9.45 16.73 -3.26
N TYR D 20 9.31 17.79 -4.03
CA TYR D 20 8.13 17.95 -4.87
C TYR D 20 8.39 18.78 -6.12
N LYS D 21 7.63 18.49 -7.17
CA LYS D 21 7.56 19.31 -8.36
C LYS D 21 6.13 19.24 -8.87
N GLU D 22 5.40 20.34 -8.73
CA GLU D 22 3.96 20.34 -8.95
C GLU D 22 3.32 19.32 -8.00
N THR D 23 2.53 18.40 -8.54
CA THR D 23 1.89 17.37 -7.72
C THR D 23 2.75 16.12 -7.57
N ASN D 24 3.88 16.08 -8.28
CA ASN D 24 4.77 14.93 -8.21
C ASN D 24 5.61 14.96 -6.93
N LYS D 25 5.63 13.85 -6.21
CA LYS D 25 6.29 13.77 -4.90
C LYS D 25 7.21 12.55 -4.82
N PRO D 26 8.42 12.65 -5.40
CA PRO D 26 9.38 11.55 -5.48
C PRO D 26 9.71 10.88 -4.15
N ALA D 27 9.72 11.65 -3.06
CA ALA D 27 10.09 11.11 -1.75
C ALA D 27 8.85 10.74 -0.94
N GLY D 28 7.69 10.70 -1.59
CA GLY D 28 6.46 10.29 -0.95
C GLY D 28 5.70 11.46 -0.35
N GLU D 29 4.55 11.15 0.26
CA GLU D 29 3.73 12.16 0.90
C GLU D 29 4.49 12.81 2.06
N TRP D 30 4.00 13.96 2.50
CA TRP D 30 4.57 14.65 3.67
C TRP D 30 4.72 13.67 4.83
N PRO D 31 5.85 13.70 5.54
CA PRO D 31 7.00 14.61 5.46
C PRO D 31 8.08 14.18 4.46
N GLY D 32 7.78 13.20 3.60
CA GLY D 32 8.74 12.69 2.65
C GLY D 32 9.52 11.51 3.23
N LYS D 33 10.80 11.42 2.86
CA LYS D 33 11.61 10.27 3.24
C LYS D 33 12.54 10.58 4.41
N THR D 34 12.61 9.66 5.37
CA THR D 34 13.47 9.80 6.54
C THR D 34 14.95 9.81 6.13
N MET D 35 15.72 10.65 6.82
CA MET D 35 17.17 10.72 6.59
C MET D 35 17.91 9.97 7.69
N THR D 36 18.82 9.09 7.30
CA THR D 36 19.56 8.25 8.24
C THR D 36 20.89 8.88 8.63
N ALA D 37 21.29 8.68 9.88
CA ALA D 37 22.55 9.21 10.39
C ALA D 37 23.73 8.80 9.52
N THR D 38 24.46 9.81 9.03
CA THR D 38 25.59 9.58 8.14
C THR D 38 26.76 8.92 8.87
N ALA D 39 27.18 7.76 8.36
CA ALA D 39 28.32 7.05 8.94
C ALA D 39 29.61 7.83 8.73
N GLY D 40 30.26 8.19 9.83
CA GLY D 40 31.53 8.90 9.79
C GLY D 40 31.38 10.40 9.79
N HIS D 41 30.16 10.89 10.00
CA HIS D 41 29.91 12.33 10.05
C HIS D 41 28.81 12.65 11.07
N GLU D 42 29.22 12.88 12.31
CA GLU D 42 28.28 13.19 13.38
C GLU D 42 27.55 14.49 13.07
N GLY D 43 26.25 14.51 13.32
CA GLY D 43 25.43 15.67 13.07
C GLY D 43 24.82 15.67 11.67
N TRP D 44 25.35 14.82 10.80
CA TRP D 44 24.87 14.74 9.42
C TRP D 44 23.87 13.60 9.24
N TYR D 45 22.95 13.78 8.30
CA TYR D 45 21.97 12.75 7.96
C TYR D 45 21.83 12.67 6.44
N THR D 46 21.72 11.45 5.93
CA THR D 46 21.72 11.20 4.48
C THR D 46 20.49 10.40 4.04
N MET D 47 19.96 10.78 2.88
CA MET D 47 18.90 10.01 2.23
C MET D 47 19.22 9.81 0.75
N HIS D 48 18.90 8.64 0.23
CA HIS D 48 19.08 8.34 -1.19
C HIS D 48 17.73 8.15 -1.86
N LEU D 49 17.67 8.41 -3.16
CA LEU D 49 16.42 8.39 -3.88
C LEU D 49 16.66 8.38 -5.39
N THR D 50 15.72 7.80 -6.13
CA THR D 50 15.73 7.90 -7.59
C THR D 50 14.60 8.80 -8.04
N LEU D 51 14.78 9.50 -9.16
CA LEU D 51 13.71 10.33 -9.69
C LEU D 51 13.86 10.65 -11.17
N ASP D 52 12.76 11.11 -11.75
CA ASP D 52 12.69 11.48 -13.15
C ASP D 52 13.45 12.79 -13.39
N ASN D 53 14.49 12.75 -14.21
CA ASN D 53 15.33 13.92 -14.43
C ASN D 53 14.74 14.89 -15.46
N SER D 54 13.46 14.73 -15.75
CA SER D 54 12.78 15.59 -16.72
C SER D 54 12.70 17.04 -16.22
N THR D 55 12.75 17.21 -14.91
CA THR D 55 12.57 18.52 -14.31
C THR D 55 13.52 18.74 -13.12
N ASP D 56 13.54 19.98 -12.62
CA ASP D 56 14.11 20.27 -11.31
C ASP D 56 13.06 19.95 -10.25
N TYR D 57 13.48 19.94 -8.99
CA TYR D 57 12.56 19.69 -7.88
C TYR D 57 12.83 20.67 -6.74
N SER D 58 11.86 20.82 -5.85
CA SER D 58 12.00 21.63 -4.65
C SER D 58 12.13 20.74 -3.41
N LEU D 59 13.02 21.13 -2.50
CA LEU D 59 13.31 20.36 -1.29
C LEU D 59 12.90 21.11 -0.03
N ILE D 60 12.07 20.48 0.79
CA ILE D 60 11.75 21.00 2.12
C ILE D 60 12.27 20.05 3.19
N LEU D 61 13.39 20.43 3.81
CA LEU D 61 13.94 19.69 4.94
C LEU D 61 13.10 19.98 6.18
N ASN D 62 12.79 18.94 6.95
CA ASN D 62 11.91 19.09 8.10
C ASN D 62 12.20 18.07 9.19
N ASP D 63 11.65 18.31 10.39
CA ASP D 63 11.86 17.40 11.51
C ASP D 63 10.79 16.32 11.53
N ASP D 64 10.74 15.54 10.45
CA ASP D 64 9.79 14.44 10.32
C ASP D 64 8.35 14.96 10.31
N GLY D 65 8.16 16.17 9.80
CA GLY D 65 6.84 16.71 9.56
C GLY D 65 6.22 17.48 10.71
N HIS D 66 6.91 17.51 11.85
CA HIS D 66 6.36 18.11 13.05
C HIS D 66 6.64 19.62 13.12
N GLY D 67 7.26 20.07 14.20
CA GLY D 67 7.34 21.49 14.49
C GLY D 67 8.09 22.38 13.52
N ASN D 68 9.08 21.83 12.82
CA ASN D 68 10.02 22.65 12.06
C ASN D 68 10.30 22.16 10.65
N GLN D 69 10.06 23.04 9.68
CA GLN D 69 10.43 22.79 8.28
C GLN D 69 11.15 24.01 7.71
N LEU D 70 12.19 23.74 6.93
CA LEU D 70 12.99 24.81 6.30
C LEU D 70 12.31 25.36 5.06
N LYS D 71 12.71 26.57 4.66
CA LYS D 71 12.25 27.16 3.42
C LYS D 71 12.69 26.28 2.26
N ASP D 72 11.83 26.14 1.25
CA ASP D 72 12.10 25.25 0.14
C ASP D 72 13.25 25.78 -0.71
N VAL D 73 14.16 24.88 -1.11
CA VAL D 73 15.26 25.22 -2.00
C VAL D 73 15.18 24.35 -3.26
N THR D 74 15.71 24.88 -4.37
CA THR D 74 15.65 24.18 -5.65
C THR D 74 16.79 23.21 -5.83
N LEU D 75 16.47 22.01 -6.33
CA LEU D 75 17.48 21.04 -6.71
C LEU D 75 17.60 21.01 -8.23
N SER D 76 18.77 21.36 -8.73
CA SER D 76 19.01 21.41 -10.17
C SER D 76 19.29 20.03 -10.73
N THR D 77 18.24 19.23 -10.87
CA THR D 77 18.38 17.83 -11.25
C THR D 77 18.16 17.58 -12.74
N LYS D 78 17.60 18.57 -13.44
CA LYS D 78 17.17 18.39 -14.82
C LYS D 78 18.25 17.82 -15.73
N GLY D 79 17.97 16.68 -16.34
CA GLY D 79 18.85 16.08 -17.33
C GLY D 79 20.03 15.32 -16.76
N LYS D 80 20.28 15.47 -15.46
CA LYS D 80 21.44 14.83 -14.84
C LYS D 80 21.22 13.33 -14.67
N ALA D 81 22.32 12.60 -14.51
CA ALA D 81 22.28 11.16 -14.28
C ALA D 81 22.45 10.86 -12.79
N GLU D 82 23.04 11.79 -12.07
CA GLU D 82 23.22 11.68 -10.64
C GLU D 82 23.52 13.05 -10.04
N ALA D 83 23.16 13.23 -8.78
CA ALA D 83 23.40 14.51 -8.09
C ALA D 83 23.45 14.30 -6.58
N GLU D 84 24.48 14.87 -5.94
CA GLU D 84 24.62 14.82 -4.49
C GLU D 84 24.73 16.24 -3.94
N TYR D 85 23.95 16.52 -2.89
CA TYR D 85 23.90 17.85 -2.29
C TYR D 85 24.30 17.79 -0.82
N TRP D 86 24.89 18.88 -0.34
CA TRP D 86 25.17 19.08 1.08
C TRP D 86 24.50 20.35 1.56
N PHE D 87 23.72 20.23 2.63
CA PHE D 87 23.04 21.39 3.21
C PHE D 87 23.54 21.66 4.62
N ASP D 88 24.43 22.64 4.75
CA ASP D 88 24.95 23.08 6.03
C ASP D 88 24.67 24.57 6.18
N GLY D 89 23.43 24.90 6.54
CA GLY D 89 23.00 26.29 6.61
C GLY D 89 22.46 26.76 5.27
N SER D 90 23.02 26.23 4.19
CA SER D 90 22.56 26.53 2.85
C SER D 90 22.91 25.39 1.90
N LEU D 91 22.26 25.36 0.75
CA LEU D 91 22.45 24.26 -0.19
C LEU D 91 23.74 24.41 -0.99
N SER D 92 24.46 23.30 -1.14
CA SER D 92 25.70 23.27 -1.91
C SER D 92 25.86 21.95 -2.66
N GLU D 93 26.44 22.01 -3.84
CA GLU D 93 26.76 20.82 -4.64
C GLU D 93 28.21 20.40 -4.44
N THR D 94 28.91 21.10 -3.54
CA THR D 94 30.33 20.87 -3.32
C THR D 94 30.59 19.92 -2.15
N LYS D 95 31.29 18.83 -2.43
CA LYS D 95 31.68 17.89 -1.39
C LYS D 95 32.65 18.57 -0.42
N PRO D 96 32.35 18.53 0.88
CA PRO D 96 33.31 19.06 1.86
C PRO D 96 34.66 18.34 1.77
N ALA D 97 35.72 18.98 2.25
CA ALA D 97 37.08 18.48 2.09
C ALA D 97 37.28 17.10 2.73
N ASP D 98 36.78 16.93 3.95
CA ASP D 98 37.06 15.72 4.72
C ASP D 98 36.18 14.53 4.32
N TRP D 99 35.22 14.76 3.44
CA TRP D 99 34.30 13.69 3.02
C TRP D 99 34.93 12.76 1.99
N LYS D 100 34.97 11.47 2.34
CA LYS D 100 35.49 10.45 1.44
C LYS D 100 34.35 9.77 0.71
N TYR D 101 34.67 9.00 -0.34
CA TYR D 101 33.68 8.21 -1.05
C TYR D 101 33.63 6.80 -0.48
N VAL D 102 32.64 6.56 0.38
CA VAL D 102 32.48 5.27 1.06
C VAL D 102 31.47 4.41 0.30
N THR D 103 31.91 3.23 -0.13
CA THR D 103 31.05 2.31 -0.85
C THR D 103 30.86 1.01 -0.06
N THR D 104 29.62 0.72 0.30
CA THR D 104 29.28 -0.46 1.09
C THR D 104 28.61 -1.53 0.23
N ILE D 105 29.09 -2.76 0.34
CA ILE D 105 28.55 -3.86 -0.44
C ILE D 105 28.21 -5.03 0.47
N HIS D 106 26.93 -5.42 0.49
CA HIS D 106 26.47 -6.56 1.28
C HIS D 106 26.36 -7.79 0.39
N TYR D 107 26.83 -8.91 0.90
CA TYR D 107 26.76 -10.18 0.16
C TYR D 107 26.06 -11.24 1.00
N LEU D 108 25.04 -11.86 0.41
CA LEU D 108 24.30 -12.93 1.07
C LEU D 108 24.97 -14.28 0.86
N ALA D 109 25.64 -14.76 1.89
CA ALA D 109 26.35 -16.03 1.83
C ALA D 109 25.42 -17.19 2.18
N SER D 110 25.31 -18.16 1.28
CA SER D 110 24.47 -19.33 1.51
C SER D 110 25.14 -20.58 0.96
N GLY D 111 25.21 -21.61 1.79
CA GLY D 111 25.78 -22.89 1.40
C GLY D 111 27.24 -22.82 1.00
N MET D 112 28.01 -22.01 1.73
CA MET D 112 29.44 -21.85 1.44
C MET D 112 30.24 -21.55 2.71
N GLY D 113 29.68 -21.90 3.86
CA GLY D 113 30.38 -21.74 5.13
C GLY D 113 30.24 -20.35 5.71
N SER D 114 30.82 -20.14 6.90
CA SER D 114 30.71 -18.89 7.62
C SER D 114 32.02 -18.10 7.61
N THR D 115 32.90 -18.44 6.67
CA THR D 115 34.17 -17.74 6.50
C THR D 115 34.23 -17.14 5.10
N ILE D 116 33.99 -15.83 5.02
CA ILE D 116 33.83 -15.13 3.76
C ILE D 116 34.98 -14.16 3.48
N TYR D 117 35.42 -14.13 2.22
CA TYR D 117 36.49 -13.23 1.78
C TYR D 117 36.03 -12.37 0.62
N ASN D 118 36.55 -11.15 0.55
CA ASN D 118 36.36 -10.28 -0.60
C ASN D 118 37.70 -9.93 -1.24
N TYR D 119 37.80 -10.12 -2.55
CA TYR D 119 39.01 -9.82 -3.30
C TYR D 119 38.74 -8.67 -4.26
N MET D 120 39.34 -7.52 -3.98
CA MET D 120 39.06 -6.29 -4.73
C MET D 120 40.28 -5.76 -5.45
N TRP D 121 40.04 -5.17 -6.62
CA TRP D 121 41.10 -4.54 -7.41
C TRP D 121 40.51 -3.38 -8.21
N GLY D 122 41.39 -2.58 -8.83
CA GLY D 122 40.96 -1.48 -9.67
C GLY D 122 40.48 -0.26 -8.91
N ALA D 123 40.94 -0.13 -7.66
CA ALA D 123 40.57 1.00 -6.81
C ALA D 123 41.74 1.98 -6.70
N ASP D 124 41.41 3.24 -6.42
CA ASP D 124 42.42 4.28 -6.23
C ASP D 124 43.38 3.89 -5.10
N ALA D 125 44.59 4.41 -5.15
CA ALA D 125 45.63 4.05 -4.17
C ALA D 125 45.23 4.42 -2.75
N SER D 126 44.34 5.40 -2.62
CA SER D 126 43.88 5.86 -1.31
C SER D 126 42.95 4.84 -0.63
N ALA D 127 42.51 3.85 -1.40
CA ALA D 127 41.50 2.89 -0.94
C ALA D 127 41.88 2.18 0.36
N THR D 128 40.94 2.18 1.31
CA THR D 128 41.06 1.38 2.51
C THR D 128 39.94 0.33 2.51
N GLY D 129 40.15 -0.75 3.24
CA GLY D 129 39.16 -1.82 3.33
C GLY D 129 39.77 -3.15 3.69
N ALA D 130 38.95 -4.20 3.66
CA ALA D 130 39.41 -5.54 3.99
C ALA D 130 40.31 -6.09 2.89
N GLY D 131 39.90 -5.89 1.63
CA GLY D 131 40.60 -6.45 0.48
C GLY D 131 41.47 -5.43 -0.24
N VAL D 132 42.10 -4.56 0.53
CA VAL D 132 43.00 -3.53 0.00
C VAL D 132 44.41 -3.72 0.55
N GLY D 133 45.37 -4.27 -0.23
CA GLY D 133 45.18 -4.78 -1.58
C GLY D 133 45.74 -6.20 -1.64
N LYS D 134 45.14 -7.08 -0.85
CA LYS D 134 45.66 -8.42 -0.65
C LYS D 134 45.46 -9.31 -1.88
N GLU D 135 46.24 -10.39 -1.96
CA GLU D 135 46.06 -11.39 -2.99
C GLU D 135 44.96 -12.36 -2.58
N TRP D 136 44.51 -13.19 -3.52
CA TRP D 136 43.42 -14.13 -3.25
C TRP D 136 43.69 -14.97 -2.02
N PRO D 137 42.64 -15.30 -1.24
CA PRO D 137 41.22 -14.99 -1.41
C PRO D 137 40.85 -13.54 -1.11
N GLY D 138 41.83 -12.74 -0.65
CA GLY D 138 41.60 -11.34 -0.32
C GLY D 138 41.50 -11.13 1.18
N GLY D 139 40.57 -10.26 1.60
CA GLY D 139 40.39 -9.94 3.00
C GLY D 139 39.16 -10.59 3.60
N GLN D 140 39.33 -11.20 4.77
CA GLN D 140 38.21 -11.82 5.48
C GLN D 140 37.27 -10.76 6.03
N ILE D 141 36.01 -10.81 5.60
CA ILE D 141 35.01 -9.84 6.03
C ILE D 141 34.06 -10.45 7.06
N SER D 142 33.45 -9.59 7.87
CA SER D 142 32.58 -10.02 8.95
C SER D 142 31.12 -10.08 8.53
N ALA D 143 30.33 -10.83 9.29
CA ALA D 143 28.89 -10.93 9.05
C ALA D 143 28.19 -9.65 9.50
N ASN D 144 27.08 -9.33 8.85
CA ASN D 144 26.24 -8.22 9.28
C ASN D 144 25.53 -8.60 10.57
N ALA D 145 25.46 -7.66 11.51
CA ALA D 145 24.94 -7.95 12.84
C ALA D 145 23.41 -7.98 12.87
N ASP D 146 22.78 -7.22 11.97
CA ASP D 146 21.32 -7.05 11.99
C ASP D 146 20.62 -7.81 10.85
N HIS D 147 21.39 -8.41 9.97
CA HIS D 147 20.83 -9.11 8.81
C HIS D 147 21.50 -10.46 8.61
N LEU D 148 20.75 -11.51 8.92
CA LEU D 148 21.28 -12.86 8.98
C LEU D 148 21.72 -13.39 7.62
N GLY D 149 22.94 -13.92 7.57
CA GLY D 149 23.48 -14.51 6.36
C GLY D 149 24.26 -13.53 5.50
N TRP D 150 24.09 -12.24 5.77
CA TRP D 150 24.77 -11.20 5.00
C TRP D 150 26.14 -10.88 5.57
N TYR D 151 27.09 -10.61 4.68
CA TYR D 151 28.45 -10.20 5.05
C TYR D 151 28.77 -8.87 4.39
N ASP D 152 29.43 -7.98 5.14
CA ASP D 152 29.66 -6.61 4.71
C ASP D 152 31.11 -6.33 4.36
N VAL D 153 31.31 -5.54 3.31
CA VAL D 153 32.62 -4.99 2.99
C VAL D 153 32.46 -3.51 2.64
N VAL D 154 33.35 -2.68 3.18
CA VAL D 154 33.33 -1.25 2.91
C VAL D 154 34.65 -0.81 2.31
N TYR D 155 34.57 0.00 1.25
CA TYR D 155 35.75 0.51 0.56
C TYR D 155 35.69 2.04 0.47
N THR D 156 36.55 2.69 1.25
CA THR D 156 36.61 4.14 1.30
C THR D 156 37.72 4.66 0.39
N GLN D 157 37.34 5.53 -0.55
CA GLN D 157 38.30 6.15 -1.46
C GLN D 157 38.29 7.66 -1.29
N ASP D 158 39.37 8.31 -1.73
CA ASP D 158 39.47 9.77 -1.68
C ASP D 158 38.78 10.40 -2.89
N VAL D 159 38.57 9.60 -3.93
CA VAL D 159 37.89 10.07 -5.14
C VAL D 159 36.81 9.07 -5.57
N LYS D 160 36.04 9.44 -6.58
CA LYS D 160 34.93 8.62 -7.06
C LYS D 160 35.39 7.61 -8.11
N GLN D 161 36.10 6.58 -7.67
CA GLN D 161 36.67 5.58 -8.56
C GLN D 161 35.89 4.27 -8.54
N ASN D 162 35.45 3.81 -9.71
CA ASN D 162 34.81 2.51 -9.82
C ASN D 162 35.84 1.40 -9.61
N PHE D 163 35.36 0.23 -9.17
CA PHE D 163 36.25 -0.89 -8.88
C PHE D 163 35.61 -2.22 -9.22
N SER D 164 36.26 -3.30 -8.80
CA SER D 164 35.76 -4.64 -9.04
C SER D 164 36.02 -5.52 -7.82
N CYS D 165 35.13 -6.47 -7.58
CA CYS D 165 35.24 -7.33 -6.40
C CYS D 165 34.69 -8.72 -6.65
N ILE D 166 35.13 -9.68 -5.84
CA ILE D 166 34.65 -11.05 -5.91
C ILE D 166 34.58 -11.66 -4.51
N PHE D 167 33.38 -12.01 -4.08
CA PHE D 167 33.18 -12.66 -2.80
C PHE D 167 33.48 -14.15 -2.94
N ASN D 168 34.01 -14.77 -1.89
CA ASN D 168 34.38 -16.18 -1.95
C ASN D 168 34.65 -16.77 -0.56
N ASN D 169 34.74 -18.10 -0.52
CA ASN D 169 35.08 -18.82 0.70
C ASN D 169 36.52 -19.32 0.64
N ASN D 170 37.24 -18.89 -0.39
CA ASN D 170 38.62 -19.33 -0.60
C ASN D 170 38.72 -20.85 -0.67
N ASN D 171 37.70 -21.48 -1.24
CA ASN D 171 37.64 -22.94 -1.24
C ASN D 171 36.66 -23.51 -2.28
N GLY D 172 36.61 -22.89 -3.46
CA GLY D 172 35.86 -23.42 -4.58
C GLY D 172 34.62 -22.63 -4.95
N THR D 173 34.00 -21.99 -3.97
CA THR D 173 32.79 -21.21 -4.21
C THR D 173 33.11 -19.72 -4.20
N GLN D 174 32.66 -19.03 -5.23
CA GLN D 174 32.85 -17.59 -5.36
C GLN D 174 31.78 -16.99 -6.25
N THR D 175 31.62 -15.67 -6.19
CA THR D 175 30.66 -14.98 -7.02
C THR D 175 31.21 -14.80 -8.43
N ASP D 176 30.36 -14.31 -9.34
CA ASP D 176 30.84 -13.82 -10.62
C ASP D 176 31.62 -12.54 -10.37
N ASN D 177 32.21 -11.99 -11.43
CA ASN D 177 32.92 -10.73 -11.30
C ASN D 177 31.92 -9.58 -11.09
N ILE D 178 32.02 -8.94 -9.92
CA ILE D 178 31.13 -7.83 -9.57
C ILE D 178 31.79 -6.48 -9.85
N ASP D 179 31.17 -5.66 -10.68
CA ASP D 179 31.71 -4.35 -11.03
C ASP D 179 30.82 -3.23 -10.47
N VAL D 180 31.44 -2.36 -9.66
CA VAL D 180 30.69 -1.36 -8.91
C VAL D 180 30.59 -0.04 -9.66
N SER D 181 29.40 0.54 -9.64
CA SER D 181 29.15 1.88 -10.17
C SER D 181 28.92 2.86 -9.02
N VAL D 182 30.00 3.50 -8.58
CA VAL D 182 29.92 4.50 -7.52
C VAL D 182 29.18 5.74 -8.02
N THR D 183 28.16 6.15 -7.29
CA THR D 183 27.29 7.26 -7.70
C THR D 183 27.17 8.33 -6.62
N SER D 184 27.81 8.11 -5.47
CA SER D 184 27.78 9.09 -4.38
C SER D 184 28.82 8.75 -3.31
N THR D 185 28.92 9.61 -2.32
CA THR D 185 29.87 9.39 -1.23
C THR D 185 29.45 8.24 -0.32
N SER D 186 28.20 7.79 -0.47
CA SER D 186 27.69 6.69 0.34
C SER D 186 26.88 5.71 -0.53
N THR D 187 27.53 5.14 -1.53
CA THR D 187 26.90 4.15 -2.39
C THR D 187 26.73 2.84 -1.64
N GLU D 188 25.56 2.21 -1.81
CA GLU D 188 25.26 0.94 -1.14
C GLU D 188 24.71 -0.09 -2.13
N LEU D 189 25.21 -1.32 -2.03
CA LEU D 189 24.81 -2.40 -2.94
C LEU D 189 24.55 -3.70 -2.20
N TRP D 190 23.73 -4.56 -2.81
CA TRP D 190 23.43 -5.89 -2.28
C TRP D 190 23.68 -6.93 -3.36
N VAL D 191 24.43 -7.97 -3.00
CA VAL D 191 24.78 -9.03 -3.94
C VAL D 191 24.33 -10.39 -3.43
N THR D 192 23.76 -11.20 -4.33
CA THR D 192 23.34 -12.56 -4.00
C THR D 192 23.84 -13.55 -5.05
N GLY D 193 23.93 -14.81 -4.66
CA GLY D 193 24.27 -15.87 -5.59
C GLY D 193 25.76 -16.13 -5.73
N THR D 194 26.10 -17.06 -6.62
CA THR D 194 27.49 -17.41 -6.90
C THR D 194 27.71 -17.47 -8.41
N LYS D 195 28.87 -17.96 -8.83
CA LYS D 195 29.21 -18.03 -10.25
C LYS D 195 28.14 -18.78 -11.05
N GLY D 196 27.58 -18.09 -12.04
CA GLY D 196 26.52 -18.66 -12.86
C GLY D 196 25.19 -18.00 -12.60
N ASP D 197 25.07 -17.34 -11.44
CA ASP D 197 23.83 -16.69 -11.07
C ASP D 197 24.06 -15.64 -9.98
N THR D 198 25.06 -14.79 -10.19
CA THR D 198 25.29 -13.65 -9.30
C THR D 198 24.36 -12.51 -9.69
N THR D 199 23.81 -11.83 -8.68
CA THR D 199 22.88 -10.74 -8.92
C THR D 199 23.20 -9.54 -8.03
N VAL D 200 23.29 -8.37 -8.64
CA VAL D 200 23.59 -7.13 -7.92
C VAL D 200 22.35 -6.25 -7.86
N TYR D 201 22.02 -5.79 -6.65
CA TYR D 201 20.88 -4.91 -6.44
C TYR D 201 21.33 -3.53 -6.02
N LYS D 202 20.70 -2.51 -6.59
CA LYS D 202 20.93 -1.12 -6.20
C LYS D 202 19.93 -0.69 -5.13
N THR D 203 18.91 -1.52 -4.93
CA THR D 203 17.92 -1.33 -3.88
C THR D 203 17.86 -2.60 -3.04
N ALA D 204 17.63 -2.45 -1.74
CA ALA D 204 17.63 -3.60 -0.83
C ALA D 204 16.63 -4.67 -1.28
N PRO D 205 17.11 -5.88 -1.64
CA PRO D 205 16.17 -6.92 -2.04
C PRO D 205 15.35 -7.44 -0.86
N ASP D 206 14.37 -8.30 -1.14
CA ASP D 206 13.48 -8.81 -0.11
C ASP D 206 14.23 -9.65 0.92
N SER D 207 15.33 -10.28 0.49
CA SER D 207 16.12 -11.12 1.37
C SER D 207 16.93 -10.30 2.38
N TRP D 208 16.86 -8.97 2.28
CA TRP D 208 17.59 -8.10 3.19
C TRP D 208 16.93 -8.06 4.56
N GLU D 209 15.61 -7.91 4.60
CA GLU D 209 14.86 -7.97 5.85
C GLU D 209 14.43 -9.40 6.17
#